data_5VR9
#
_entry.id   5VR9
#
_cell.length_a   152.046
_cell.length_b   152.046
_cell.length_c   220.619
_cell.angle_alpha   90.000
_cell.angle_beta   90.000
_cell.angle_gamma   90.000
#
_symmetry.space_group_name_H-M   'I 41 2 2'
#
loop_
_entity.id
_entity.type
_entity.pdbx_description
1 polymer 'CH1/Ckappa Fab heavy chain'
2 polymer 'CH1/Ckappa Fab light chain'
3 water water
#
loop_
_entity_poly.entity_id
_entity_poly.type
_entity_poly.pdbx_seq_one_letter_code
_entity_poly.pdbx_strand_id
1 'polypeptide(L)'
;QVQLVQSGAEVKKPGASVKVSCKASGYTFTSHWMHWVRQAPGQGLEWIGEFNPSNGRTNYNEKFKSKATMTVDTSTNTAY
MELSSLRSEDTAVYYCASRDYDYDGRYFDYWGQGTLVTVSSASTKGPSVFPLAPSSKSTSGGTAALGCLVKDYFPEPVTV
SWNSGALTSGVHTFPAVLQSSGLYSLSSVVTVPSSSLGTQTYICNVNHKPSNTKVDKKVEPKSC
;
A,H
2 'polypeptide(L)'
;DIQMTQSPSSLSASVGDRVTITCSASSSVTYMYWYQQKPGKAPKLLIYDTSNLASGVPSRFSGSGSGTDYTFTISSLQPE
DIATYYCQQWSSHIFTFGQGTKVEIKRTVAAPSVFIFPPSDEQLKSGTASVVCLLNNFYPREAKVQWKVDNALQSGNSQE
SVTEQDSKDSTYSLSSTLTLSKADYEKHKVYACEVTHQGLSSPVTKSFNRGE
;
B,L
#
# COMPACT_ATOMS: atom_id res chain seq x y z
N GLN A 1 1.29 14.45 -38.06
CA GLN A 1 1.80 14.33 -36.66
C GLN A 1 3.28 13.91 -36.63
N VAL A 2 3.99 14.39 -35.61
CA VAL A 2 5.42 14.09 -35.42
C VAL A 2 5.56 12.81 -34.59
N GLN A 3 6.49 11.93 -35.01
CA GLN A 3 6.69 10.62 -34.38
C GLN A 3 8.14 10.16 -34.36
N LEU A 4 8.55 9.55 -33.25
CA LEU A 4 9.81 8.84 -33.18
C LEU A 4 9.51 7.34 -33.04
N VAL A 5 9.94 6.57 -34.05
CA VAL A 5 9.72 5.13 -34.11
C VAL A 5 11.05 4.41 -33.88
N GLN A 6 11.09 3.56 -32.86
CA GLN A 6 12.29 2.84 -32.44
C GLN A 6 12.27 1.38 -32.92
N SER A 7 13.45 0.78 -33.07
CA SER A 7 13.59 -0.66 -33.36
C SER A 7 12.97 -1.53 -32.26
N GLY A 8 12.45 -2.69 -32.66
CA GLY A 8 11.76 -3.60 -31.74
C GLY A 8 12.63 -4.21 -30.65
N ALA A 9 11.96 -4.69 -29.60
CA ALA A 9 12.63 -5.34 -28.48
C ALA A 9 13.45 -6.55 -28.95
N GLU A 10 14.59 -6.78 -28.29
CA GLU A 10 15.51 -7.84 -28.66
C GLU A 10 16.15 -8.52 -27.45
N VAL A 11 16.25 -9.85 -27.52
CA VAL A 11 17.14 -10.60 -26.62
C VAL A 11 18.54 -10.64 -27.25
N LYS A 12 19.55 -10.47 -26.40
CA LYS A 12 20.94 -10.58 -26.82
C LYS A 12 21.75 -11.36 -25.79
N LYS A 13 22.70 -12.13 -26.29
CA LYS A 13 23.64 -12.90 -25.46
C LYS A 13 24.54 -11.97 -24.65
N PRO A 14 24.94 -12.38 -23.41
CA PRO A 14 25.96 -11.62 -22.68
C PRO A 14 27.27 -11.53 -23.47
N GLY A 15 27.88 -10.34 -23.45
CA GLY A 15 29.11 -10.08 -24.18
C GLY A 15 28.91 -9.56 -25.60
N ALA A 16 27.73 -9.82 -26.16
CA ALA A 16 27.39 -9.38 -27.52
C ALA A 16 27.10 -7.87 -27.59
N SER A 17 26.72 -7.39 -28.77
CA SER A 17 26.38 -5.99 -28.98
C SER A 17 25.02 -5.84 -29.67
N VAL A 18 24.35 -4.73 -29.38
CA VAL A 18 23.04 -4.38 -29.98
C VAL A 18 23.04 -2.92 -30.42
N LYS A 19 22.26 -2.62 -31.46
CA LYS A 19 22.17 -1.26 -31.98
C LYS A 19 20.71 -0.87 -32.14
N VAL A 20 20.25 -0.04 -31.22
CA VAL A 20 18.89 0.50 -31.23
C VAL A 20 18.83 1.63 -32.26
N SER A 21 17.73 1.67 -33.02
CA SER A 21 17.49 2.73 -33.99
C SER A 21 16.28 3.57 -33.61
N CYS A 22 16.30 4.84 -34.01
CA CYS A 22 15.23 5.80 -33.74
C CYS A 22 14.96 6.63 -35.00
N LYS A 23 13.79 6.43 -35.60
CA LYS A 23 13.44 7.06 -36.88
C LYS A 23 12.45 8.22 -36.72
N ALA A 24 12.88 9.40 -37.13
CA ALA A 24 12.12 10.65 -36.99
C ALA A 24 11.23 10.93 -38.20
N SER A 25 9.96 11.24 -37.94
CA SER A 25 8.97 11.51 -38.97
C SER A 25 8.12 12.73 -38.61
N GLY A 26 7.86 13.59 -39.59
CA GLY A 26 6.98 14.76 -39.41
C GLY A 26 7.67 16.08 -39.12
N TYR A 27 8.96 16.01 -38.76
CA TYR A 27 9.77 17.19 -38.46
C TYR A 27 11.15 17.05 -39.10
N THR A 28 11.77 18.21 -39.39
CA THR A 28 13.09 18.29 -40.05
C THR A 28 14.18 17.58 -39.26
N PHE A 29 14.26 17.88 -37.96
CA PHE A 29 15.14 17.19 -36.98
C PHE A 29 16.65 17.16 -37.32
N THR A 30 17.09 18.06 -38.18
CA THR A 30 18.50 18.19 -38.52
C THR A 30 19.24 19.02 -37.46
N SER A 31 18.61 20.12 -37.04
CA SER A 31 19.22 21.08 -36.12
C SER A 31 18.68 20.98 -34.67
N HIS A 32 18.45 19.74 -34.22
CA HIS A 32 18.06 19.44 -32.85
C HIS A 32 18.86 18.24 -32.32
N TRP A 33 19.22 18.29 -31.03
CA TRP A 33 19.92 17.17 -30.37
C TRP A 33 19.00 15.97 -30.13
N MET A 34 19.60 14.78 -30.15
CA MET A 34 18.89 13.54 -29.87
C MET A 34 19.43 12.95 -28.59
N HIS A 35 18.54 12.79 -27.61
CA HIS A 35 18.89 12.24 -26.30
C HIS A 35 18.58 10.75 -26.25
N TRP A 36 19.41 10.03 -25.51
CA TRP A 36 19.15 8.64 -25.19
C TRP A 36 19.02 8.47 -23.66
N VAL A 37 17.93 7.82 -23.26
CA VAL A 37 17.57 7.61 -21.85
C VAL A 37 17.38 6.11 -21.60
N ARG A 38 17.87 5.61 -20.47
CA ARG A 38 17.51 4.26 -20.03
C ARG A 38 16.65 4.19 -18.76
N GLN A 39 15.82 3.15 -18.73
CA GLN A 39 14.97 2.83 -17.60
C GLN A 39 15.00 1.32 -17.36
N ALA A 40 15.78 0.89 -16.35
CA ALA A 40 15.77 -0.50 -15.89
C ALA A 40 14.36 -0.89 -15.40
N PRO A 41 13.98 -2.18 -15.50
CA PRO A 41 12.59 -2.55 -15.19
C PRO A 41 12.23 -2.17 -13.75
N GLY A 42 11.10 -1.48 -13.60
CA GLY A 42 10.62 -0.98 -12.31
C GLY A 42 11.48 0.09 -11.64
N GLN A 43 12.44 0.64 -12.39
CA GLN A 43 13.36 1.66 -11.87
C GLN A 43 13.09 3.04 -12.48
N GLY A 44 13.96 4.01 -12.15
CA GLY A 44 13.82 5.37 -12.65
C GLY A 44 14.51 5.62 -13.98
N LEU A 45 14.62 6.91 -14.32
CA LEU A 45 15.19 7.33 -15.59
C LEU A 45 16.62 7.82 -15.42
N GLU A 46 17.48 7.40 -16.34
CA GLU A 46 18.88 7.83 -16.38
C GLU A 46 19.23 8.30 -17.80
N TRP A 47 19.86 9.47 -17.87
CA TRP A 47 20.27 10.07 -19.14
C TRP A 47 21.59 9.44 -19.58
N ILE A 48 21.61 8.91 -20.81
CA ILE A 48 22.82 8.26 -21.37
C ILE A 48 23.72 9.29 -22.07
N GLY A 49 23.11 10.14 -22.90
CA GLY A 49 23.84 11.14 -23.64
C GLY A 49 23.02 11.82 -24.71
N GLU A 50 23.67 12.69 -25.47
CA GLU A 50 23.03 13.46 -26.54
C GLU A 50 23.90 13.51 -27.81
N PHE A 51 23.24 13.56 -28.96
CA PHE A 51 23.91 13.59 -30.26
C PHE A 51 23.39 14.73 -31.11
N ASN A 52 24.32 15.49 -31.70
CA ASN A 52 24.01 16.56 -32.63
C ASN A 52 24.28 16.13 -34.08
N PRO A 53 23.25 16.17 -34.96
CA PRO A 53 23.44 15.85 -36.37
C PRO A 53 24.18 16.97 -37.14
N SER A 54 23.73 18.21 -36.98
CA SER A 54 24.33 19.37 -37.62
C SER A 54 25.58 19.84 -36.87
N GLY A 56 28.86 17.83 -35.77
CA GLY A 56 28.30 16.51 -35.44
C GLY A 56 28.76 15.98 -34.09
N ARG A 57 28.60 16.80 -33.05
CA ARG A 57 29.15 16.52 -31.72
C ARG A 57 28.28 15.59 -30.86
N THR A 58 28.91 14.96 -29.88
CA THR A 58 28.24 14.05 -28.94
C THR A 58 28.70 14.30 -27.50
N ASN A 59 27.74 14.52 -26.61
CA ASN A 59 28.00 14.63 -25.17
C ASN A 59 27.49 13.42 -24.40
N TYR A 60 28.39 12.79 -23.64
CA TYR A 60 28.10 11.56 -22.92
C TYR A 60 28.02 11.80 -21.42
N ASN A 61 27.11 11.07 -20.78
CA ASN A 61 27.13 10.86 -19.32
C ASN A 61 28.34 9.96 -19.04
N GLU A 62 29.16 10.36 -18.07
CA GLU A 62 30.39 9.65 -17.69
C GLU A 62 30.22 8.14 -17.46
N LYS A 63 29.09 7.76 -16.85
CA LYS A 63 28.75 6.37 -16.57
C LYS A 63 28.56 5.51 -17.83
N PHE A 64 28.12 6.15 -18.91
CA PHE A 64 27.80 5.47 -20.18
C PHE A 64 28.83 5.70 -21.28
N LYS A 65 29.99 6.24 -20.92
CA LYS A 65 31.08 6.52 -21.88
C LYS A 65 31.70 5.23 -22.44
N SER A 66 31.89 4.24 -21.57
CA SER A 66 32.50 2.96 -21.92
C SER A 66 31.55 2.00 -22.65
N LYS A 67 30.24 2.21 -22.49
CA LYS A 67 29.22 1.25 -22.94
C LYS A 67 28.41 1.67 -24.19
N ALA A 68 28.22 2.97 -24.38
CA ALA A 68 27.39 3.48 -25.48
C ALA A 68 28.16 4.20 -26.58
N THR A 69 27.65 4.07 -27.81
CA THR A 69 28.12 4.83 -28.98
C THR A 69 26.90 5.34 -29.76
N MET A 70 26.83 6.66 -29.94
CA MET A 70 25.73 7.30 -30.67
C MET A 70 26.18 7.71 -32.06
N THR A 71 25.37 7.36 -33.05
CA THR A 71 25.58 7.75 -34.46
C THR A 71 24.26 8.19 -35.10
N VAL A 72 24.33 8.73 -36.31
CA VAL A 72 23.13 9.11 -37.06
C VAL A 72 23.30 8.89 -38.56
N ASP A 73 22.17 8.66 -39.22
CA ASP A 73 22.10 8.55 -40.68
C ASP A 73 21.22 9.70 -41.20
N THR A 74 21.88 10.73 -41.72
CA THR A 74 21.24 11.98 -42.17
C THR A 74 20.24 11.81 -43.32
N SER A 75 20.49 10.83 -44.19
CA SER A 75 19.64 10.55 -45.35
C SER A 75 18.34 9.82 -45.01
N THR A 76 18.36 8.99 -43.97
CA THR A 76 17.20 8.19 -43.57
C THR A 76 16.39 8.76 -42.39
N ASN A 77 16.94 9.80 -41.74
CA ASN A 77 16.41 10.41 -40.50
C ASN A 77 16.33 9.39 -39.35
N THR A 78 17.46 8.74 -39.09
CA THR A 78 17.56 7.68 -38.09
C THR A 78 18.77 7.91 -37.19
N ALA A 79 18.50 7.95 -35.89
CA ALA A 79 19.55 8.01 -34.88
C ALA A 79 19.80 6.62 -34.33
N TYR A 80 21.06 6.32 -34.05
CA TYR A 80 21.46 5.00 -33.60
C TYR A 80 22.22 5.10 -32.30
N MET A 81 21.95 4.15 -31.40
CA MET A 81 22.67 4.02 -30.15
C MET A 81 23.10 2.57 -30.02
N GLU A 82 24.40 2.37 -29.80
CA GLU A 82 24.99 1.03 -29.79
C GLU A 82 25.61 0.70 -28.43
N LEU A 83 25.16 -0.43 -27.88
CA LEU A 83 25.60 -0.89 -26.58
C LEU A 83 26.52 -2.10 -26.74
N SER A 84 27.75 -1.95 -26.25
CA SER A 84 28.79 -2.98 -26.39
C SER A 84 29.02 -3.74 -25.07
N SER A 85 29.53 -4.97 -25.20
CA SER A 85 29.87 -5.85 -24.07
C SER A 85 28.73 -6.02 -23.04
N LEU A 86 27.55 -6.36 -23.56
CA LEU A 86 26.31 -6.41 -22.79
C LEU A 86 26.36 -7.38 -21.61
N ARG A 87 25.92 -6.90 -20.46
CA ARG A 87 25.78 -7.71 -19.25
C ARG A 87 24.34 -7.65 -18.76
N SER A 88 24.01 -8.43 -17.73
CA SER A 88 22.66 -8.49 -17.14
C SER A 88 22.14 -7.12 -16.67
N GLU A 89 23.05 -6.28 -16.17
CA GLU A 89 22.74 -4.92 -15.70
C GLU A 89 22.37 -3.93 -16.83
N ASP A 90 22.58 -4.32 -18.09
CA ASP A 90 22.15 -3.53 -19.24
C ASP A 90 20.70 -3.79 -19.67
N THR A 91 20.06 -4.78 -19.04
CA THR A 91 18.64 -5.11 -19.30
C THR A 91 17.76 -3.93 -18.89
N ALA A 92 17.20 -3.25 -19.90
CA ALA A 92 16.48 -1.99 -19.71
C ALA A 92 15.73 -1.56 -20.97
N VAL A 93 14.72 -0.69 -20.77
CA VAL A 93 14.10 0.03 -21.87
C VAL A 93 15.02 1.20 -22.22
N TYR A 94 15.31 1.34 -23.51
CA TYR A 94 16.10 2.46 -24.01
C TYR A 94 15.20 3.33 -24.86
N TYR A 95 15.17 4.62 -24.52
CA TYR A 95 14.35 5.61 -25.19
C TYR A 95 15.25 6.55 -25.98
N CYS A 96 14.76 6.99 -27.14
CA CYS A 96 15.29 8.19 -27.79
C CYS A 96 14.32 9.34 -27.52
N ALA A 97 14.87 10.54 -27.34
CA ALA A 97 14.04 11.72 -27.08
C ALA A 97 14.67 13.00 -27.61
N SER A 98 13.82 13.98 -27.92
CA SER A 98 14.25 15.30 -28.36
C SER A 98 13.36 16.40 -27.80
N ARG A 99 14.02 17.45 -27.31
CA ARG A 99 13.38 18.61 -26.68
C ARG A 99 14.09 19.88 -27.13
N ASP A 100 13.33 20.84 -27.64
CA ASP A 100 13.88 22.10 -28.18
C ASP A 100 12.78 23.06 -28.65
N TYR A 101 13.23 24.22 -29.13
CA TYR A 101 12.44 25.11 -29.98
C TYR A 101 12.70 24.75 -31.43
N ASP A 102 11.65 24.76 -32.25
CA ASP A 102 11.78 24.56 -33.70
C ASP A 102 12.14 25.88 -34.42
N TYR A 103 11.97 25.89 -35.76
CA TYR A 103 12.17 27.09 -36.57
C TYR A 103 11.16 28.21 -36.24
N ASP A 104 9.92 27.81 -35.95
CA ASP A 104 8.83 28.74 -35.63
C ASP A 104 8.75 29.15 -34.16
N GLY A 105 9.68 28.63 -33.35
CA GLY A 105 9.79 28.98 -31.93
C GLY A 105 8.72 28.35 -31.04
N ARG A 106 8.21 27.19 -31.44
CA ARG A 106 7.32 26.38 -30.62
C ARG A 106 8.15 25.38 -29.80
N TYR A 107 7.84 25.25 -28.49
CA TYR A 107 8.55 24.30 -27.62
C TYR A 107 7.99 22.90 -27.76
N PHE A 108 8.88 21.97 -28.15
CA PHE A 108 8.49 20.58 -28.30
C PHE A 108 9.27 19.63 -27.38
N ASP A 109 8.64 18.50 -27.08
CA ASP A 109 9.27 17.38 -26.41
C ASP A 109 8.71 16.08 -27.03
N TYR A 110 9.58 15.28 -27.63
CA TYR A 110 9.17 14.02 -28.28
C TYR A 110 9.98 12.85 -27.79
N TRP A 111 9.29 11.73 -27.56
CA TRP A 111 9.93 10.47 -27.16
C TRP A 111 9.56 9.34 -28.09
N GLY A 112 10.53 8.45 -28.35
CA GLY A 112 10.25 7.14 -28.93
C GLY A 112 9.44 6.27 -27.97
N GLN A 113 8.93 5.15 -28.46
CA GLN A 113 8.10 4.24 -27.67
C GLN A 113 8.92 3.36 -26.71
N GLY A 114 10.25 3.42 -26.85
CA GLY A 114 11.16 2.62 -26.02
C GLY A 114 11.50 1.29 -26.66
N THR A 115 12.69 0.78 -26.34
CA THR A 115 13.16 -0.52 -26.81
C THR A 115 13.71 -1.33 -25.64
N LEU A 116 12.98 -2.39 -25.28
CA LEU A 116 13.44 -3.31 -24.25
C LEU A 116 14.52 -4.26 -24.78
N VAL A 117 15.76 -4.01 -24.36
CA VAL A 117 16.86 -4.92 -24.59
C VAL A 117 16.94 -5.83 -23.36
N THR A 118 16.76 -7.13 -23.57
CA THR A 118 16.95 -8.15 -22.53
C THR A 118 18.28 -8.85 -22.79
N VAL A 119 19.15 -8.88 -21.78
CA VAL A 119 20.42 -9.60 -21.89
C VAL A 119 20.32 -10.97 -21.19
N SER A 120 20.39 -12.04 -22.01
CA SER A 120 20.22 -13.43 -21.57
C SER A 120 20.91 -14.39 -22.55
N SER A 121 21.36 -15.53 -22.03
CA SER A 121 21.91 -16.60 -22.88
C SER A 121 20.80 -17.42 -23.56
N ALA A 122 19.60 -17.40 -22.98
CA ALA A 122 18.43 -18.13 -23.48
C ALA A 122 17.91 -17.55 -24.80
N SER A 123 17.45 -18.44 -25.67
CA SER A 123 16.96 -18.10 -27.01
C SER A 123 15.56 -17.50 -26.97
N THR A 124 15.25 -16.68 -27.97
CA THR A 124 13.90 -16.14 -28.13
C THR A 124 12.86 -17.25 -28.45
N LYS A 125 11.63 -17.03 -27.98
CA LYS A 125 10.51 -17.93 -28.26
C LYS A 125 9.19 -17.15 -28.37
N GLY A 126 8.48 -17.38 -29.48
CA GLY A 126 7.17 -16.77 -29.69
C GLY A 126 6.10 -17.42 -28.86
N PRO A 127 5.01 -16.68 -28.58
CA PRO A 127 3.96 -17.21 -27.73
C PRO A 127 3.03 -18.20 -28.41
N SER A 128 2.38 -19.03 -27.60
CA SER A 128 1.23 -19.81 -28.03
C SER A 128 0.02 -19.08 -27.49
N VAL A 129 -1.00 -18.92 -28.33
CA VAL A 129 -2.16 -18.12 -27.95
C VAL A 129 -3.42 -18.99 -27.90
N PHE A 130 -4.11 -18.95 -26.77
CA PHE A 130 -5.30 -19.76 -26.53
C PHE A 130 -6.51 -18.90 -26.14
N PRO A 131 -7.72 -19.30 -26.58
CA PRO A 131 -8.90 -18.49 -26.27
C PRO A 131 -9.32 -18.60 -24.82
N LEU A 132 -9.92 -17.53 -24.31
CA LEU A 132 -10.62 -17.56 -23.04
C LEU A 132 -12.09 -17.32 -23.38
N ALA A 133 -12.79 -18.43 -23.58
CA ALA A 133 -14.09 -18.44 -24.23
C ALA A 133 -15.20 -17.87 -23.36
N PRO A 134 -16.12 -17.08 -23.94
CA PRO A 134 -17.32 -16.66 -23.22
C PRO A 134 -18.25 -17.84 -22.97
N SER A 135 -18.95 -17.82 -21.84
CA SER A 135 -19.86 -18.90 -21.45
C SER A 135 -21.04 -18.38 -20.61
N SER A 136 -21.79 -19.30 -20.00
CA SER A 136 -22.77 -18.99 -18.96
C SER A 136 -22.06 -18.55 -17.68
N LYS A 137 -20.81 -18.99 -17.51
CA LYS A 137 -19.93 -18.60 -16.40
C LYS A 137 -19.21 -17.25 -16.63
N SER A 138 -19.53 -16.60 -17.76
CA SER A 138 -19.07 -15.25 -18.11
C SER A 138 -20.17 -14.19 -18.00
N THR A 139 -21.44 -14.63 -18.02
CA THR A 139 -22.58 -13.72 -17.86
C THR A 139 -22.73 -13.31 -16.40
N SER A 140 -22.71 -11.99 -16.17
CA SER A 140 -22.83 -11.41 -14.83
C SER A 140 -24.10 -10.57 -14.65
N GLY A 141 -24.49 -9.87 -15.72
CA GLY A 141 -25.69 -9.05 -15.73
C GLY A 141 -25.94 -8.40 -17.08
N GLY A 142 -25.97 -9.22 -18.13
CA GLY A 142 -26.14 -8.75 -19.51
C GLY A 142 -24.84 -8.48 -20.24
N THR A 143 -23.71 -8.63 -19.53
CA THR A 143 -22.37 -8.50 -20.12
C THR A 143 -21.54 -9.76 -19.89
N ALA A 144 -20.67 -10.06 -20.86
CA ALA A 144 -19.82 -11.27 -20.82
C ALA A 144 -18.35 -10.92 -20.96
N ALA A 145 -17.50 -11.73 -20.31
CA ALA A 145 -16.06 -11.62 -20.41
C ALA A 145 -15.47 -12.69 -21.32
N LEU A 146 -14.51 -12.26 -22.15
CA LEU A 146 -13.74 -13.17 -23.00
C LEU A 146 -12.30 -12.68 -23.07
N GLY A 147 -11.40 -13.53 -23.54
CA GLY A 147 -10.00 -13.13 -23.62
C GLY A 147 -9.08 -14.04 -24.38
N CYS A 148 -7.78 -13.73 -24.29
CA CYS A 148 -6.70 -14.55 -24.86
C CYS A 148 -5.63 -14.82 -23.80
N LEU A 149 -5.25 -16.09 -23.68
CA LEU A 149 -4.09 -16.47 -22.90
C LEU A 149 -2.87 -16.55 -23.80
N VAL A 150 -1.85 -15.82 -23.42
CA VAL A 150 -0.63 -15.70 -24.21
C VAL A 150 0.46 -16.39 -23.41
N LYS A 151 0.80 -17.61 -23.82
CA LYS A 151 1.66 -18.51 -23.03
C LYS A 151 3.02 -18.75 -23.62
N ASP A 152 4.00 -18.93 -22.72
CA ASP A 152 5.30 -19.55 -23.03
C ASP A 152 6.18 -18.79 -24.01
N TYR A 153 6.27 -17.48 -23.82
CA TYR A 153 7.17 -16.66 -24.63
C TYR A 153 8.41 -16.21 -23.85
N PHE A 154 9.43 -15.79 -24.60
CA PHE A 154 10.66 -15.20 -24.05
C PHE A 154 11.38 -14.41 -25.14
N PRO A 155 11.89 -13.21 -24.86
CA PRO A 155 11.71 -12.51 -23.58
C PRO A 155 10.46 -11.62 -23.62
N GLU A 156 10.34 -10.72 -22.64
CA GLU A 156 9.38 -9.61 -22.69
C GLU A 156 9.82 -8.65 -23.83
N PRO A 157 8.88 -7.92 -24.44
CA PRO A 157 7.47 -7.86 -24.06
C PRO A 157 6.53 -8.41 -25.12
N VAL A 158 5.28 -8.56 -24.73
CA VAL A 158 4.17 -8.83 -25.65
C VAL A 158 3.23 -7.63 -25.54
N THR A 159 2.75 -7.13 -26.68
CA THR A 159 1.63 -6.17 -26.74
C THR A 159 0.41 -6.87 -27.32
N VAL A 160 -0.78 -6.49 -26.86
CA VAL A 160 -2.05 -7.07 -27.29
C VAL A 160 -3.07 -5.98 -27.66
N SER A 161 -3.67 -6.10 -28.84
CA SER A 161 -4.85 -5.29 -29.18
C SER A 161 -6.04 -6.21 -29.50
N TRP A 162 -7.23 -5.62 -29.54
CA TRP A 162 -8.46 -6.34 -29.87
C TRP A 162 -9.09 -5.75 -31.12
N ASN A 163 -9.45 -6.64 -32.06
CA ASN A 163 -9.99 -6.25 -33.39
C ASN A 163 -9.18 -5.13 -34.05
N SER A 164 -7.86 -5.33 -34.12
CA SER A 164 -6.89 -4.38 -34.68
C SER A 164 -6.95 -2.95 -34.13
N GLY A 165 -7.37 -2.81 -32.86
CA GLY A 165 -7.45 -1.51 -32.19
C GLY A 165 -8.83 -0.89 -32.11
N ALA A 166 -9.78 -1.45 -32.86
CA ALA A 166 -11.18 -0.99 -32.87
C ALA A 166 -11.93 -1.25 -31.55
N LEU A 167 -11.44 -2.22 -30.77
CA LEU A 167 -12.02 -2.51 -29.46
C LEU A 167 -11.03 -2.20 -28.35
N THR A 168 -11.35 -1.17 -27.57
CA THR A 168 -10.44 -0.60 -26.55
C THR A 168 -11.06 -0.53 -25.16
N SER A 169 -12.38 -0.33 -25.10
CA SER A 169 -13.11 -0.18 -23.85
C SER A 169 -13.40 -1.52 -23.19
N GLY A 170 -13.17 -1.56 -21.87
CA GLY A 170 -13.34 -2.79 -21.10
C GLY A 170 -12.19 -3.78 -21.23
N VAL A 171 -11.13 -3.38 -21.92
CA VAL A 171 -9.95 -4.22 -22.13
C VAL A 171 -9.00 -4.10 -20.95
N HIS A 172 -8.58 -5.26 -20.42
CA HIS A 172 -7.48 -5.33 -19.47
C HIS A 172 -6.41 -6.30 -19.94
N THR A 173 -5.21 -5.79 -20.16
CA THR A 173 -4.06 -6.64 -20.45
C THR A 173 -3.13 -6.64 -19.23
N PHE A 174 -3.02 -7.82 -18.62
CA PHE A 174 -2.34 -8.02 -17.34
C PHE A 174 -0.83 -8.06 -17.51
N PRO A 175 -0.07 -7.68 -16.45
CA PRO A 175 1.38 -7.86 -16.50
C PRO A 175 1.70 -9.34 -16.58
N ALA A 176 2.79 -9.67 -17.28
CA ALA A 176 3.25 -11.04 -17.43
C ALA A 176 3.73 -11.62 -16.10
N VAL A 177 3.46 -12.92 -15.89
CA VAL A 177 4.12 -13.68 -14.82
C VAL A 177 5.27 -14.50 -15.40
N LEU A 178 6.37 -14.57 -14.66
CA LEU A 178 7.46 -15.46 -15.02
C LEU A 178 7.18 -16.84 -14.43
N GLN A 179 7.12 -17.85 -15.30
CA GLN A 179 6.82 -19.23 -14.90
C GLN A 179 8.08 -19.96 -14.46
N SER A 180 7.89 -21.05 -13.72
CA SER A 180 8.97 -21.95 -13.27
C SER A 180 9.88 -22.42 -14.40
N SER A 181 9.30 -22.60 -15.60
CA SER A 181 10.02 -22.96 -16.83
C SER A 181 10.98 -21.88 -17.37
N GLY A 182 10.91 -20.67 -16.81
CA GLY A 182 11.69 -19.53 -17.31
C GLY A 182 11.05 -18.83 -18.51
N LEU A 183 9.77 -19.11 -18.74
CA LEU A 183 9.01 -18.51 -19.83
C LEU A 183 7.86 -17.68 -19.30
N TYR A 184 7.57 -16.57 -19.97
CA TYR A 184 6.52 -15.65 -19.57
C TYR A 184 5.13 -16.09 -20.04
N SER A 185 4.13 -15.71 -19.27
CA SER A 185 2.73 -15.89 -19.64
C SER A 185 1.95 -14.65 -19.22
N LEU A 186 1.04 -14.20 -20.09
CA LEU A 186 0.05 -13.18 -19.72
C LEU A 186 -1.32 -13.46 -20.29
N SER A 187 -2.34 -12.85 -19.68
CA SER A 187 -3.68 -12.85 -20.24
C SER A 187 -4.10 -11.44 -20.64
N SER A 188 -5.02 -11.38 -21.62
CA SER A 188 -5.71 -10.15 -21.97
C SER A 188 -7.19 -10.45 -22.07
N VAL A 189 -8.01 -9.64 -21.40
CA VAL A 189 -9.46 -9.86 -21.35
C VAL A 189 -10.23 -8.62 -21.79
N VAL A 190 -11.51 -8.81 -22.10
CA VAL A 190 -12.42 -7.73 -22.47
C VAL A 190 -13.85 -8.11 -22.13
N THR A 191 -14.59 -7.16 -21.56
CA THR A 191 -16.00 -7.36 -21.27
C THR A 191 -16.83 -6.71 -22.36
N VAL A 192 -17.78 -7.49 -22.90
CA VAL A 192 -18.66 -7.05 -24.01
C VAL A 192 -20.13 -7.36 -23.68
N PRO A 193 -21.09 -6.75 -24.41
CA PRO A 193 -22.49 -7.19 -24.24
C PRO A 193 -22.70 -8.64 -24.64
N SER A 194 -23.43 -9.39 -23.82
CA SER A 194 -23.70 -10.82 -24.09
C SER A 194 -24.66 -11.03 -25.28
N SER A 195 -25.35 -9.97 -25.67
CA SER A 195 -26.20 -9.94 -26.87
C SER A 195 -25.40 -9.80 -28.17
N SER A 196 -24.10 -9.56 -28.06
CA SER A 196 -23.21 -9.43 -29.22
C SER A 196 -22.53 -10.74 -29.63
N LEU A 197 -22.58 -11.74 -28.75
CA LEU A 197 -21.81 -12.98 -28.89
C LEU A 197 -22.11 -13.80 -30.14
N GLY A 198 -23.39 -13.84 -30.54
CA GLY A 198 -23.83 -14.52 -31.74
C GLY A 198 -23.43 -13.87 -33.06
N THR A 199 -23.23 -12.55 -33.04
CA THR A 199 -23.00 -11.76 -34.27
C THR A 199 -21.62 -11.13 -34.40
N GLN A 200 -21.09 -10.59 -33.31
CA GLN A 200 -19.79 -9.90 -33.32
C GLN A 200 -18.58 -10.84 -33.27
N THR A 201 -17.56 -10.50 -34.05
CA THR A 201 -16.30 -11.23 -34.09
C THR A 201 -15.30 -10.56 -33.15
N TYR A 202 -14.62 -11.38 -32.33
CA TYR A 202 -13.58 -10.91 -31.42
C TYR A 202 -12.26 -11.60 -31.68
N ILE A 203 -11.26 -10.81 -32.04
CA ILE A 203 -9.90 -11.29 -32.33
C ILE A 203 -8.89 -10.51 -31.51
N CYS A 204 -8.00 -11.22 -30.83
CA CYS A 204 -6.88 -10.57 -30.14
C CYS A 204 -5.66 -10.59 -31.05
N ASN A 205 -4.94 -9.47 -31.09
CA ASN A 205 -3.75 -9.35 -31.92
C ASN A 205 -2.55 -9.25 -31.00
N VAL A 206 -1.75 -10.31 -31.02
CA VAL A 206 -0.62 -10.46 -30.10
C VAL A 206 0.67 -10.23 -30.88
N ASN A 207 1.46 -9.26 -30.42
CA ASN A 207 2.75 -8.97 -31.04
C ASN A 207 3.89 -9.30 -30.11
N HIS A 208 4.87 -10.03 -30.63
CA HIS A 208 6.10 -10.37 -29.92
C HIS A 208 7.31 -10.16 -30.82
N LYS A 209 7.78 -8.92 -30.86
CA LYS A 209 8.89 -8.48 -31.72
C LYS A 209 10.27 -9.15 -31.54
N PRO A 210 10.61 -9.61 -30.30
CA PRO A 210 11.89 -10.32 -30.17
C PRO A 210 12.01 -11.61 -31.00
N SER A 211 10.88 -12.30 -31.21
CA SER A 211 10.86 -13.51 -32.04
C SER A 211 10.29 -13.25 -33.45
N ASN A 212 10.04 -11.97 -33.77
CA ASN A 212 9.42 -11.51 -35.03
C ASN A 212 8.07 -12.18 -35.34
N THR A 213 7.25 -12.35 -34.29
CA THR A 213 6.01 -13.10 -34.37
C THR A 213 4.80 -12.22 -34.05
N LYS A 214 3.77 -12.34 -34.89
CA LYS A 214 2.47 -11.77 -34.63
C LYS A 214 1.44 -12.88 -34.77
N VAL A 215 0.57 -12.99 -33.77
CA VAL A 215 -0.49 -14.00 -33.76
C VAL A 215 -1.84 -13.31 -33.58
N ASP A 216 -2.76 -13.60 -34.51
CA ASP A 216 -4.18 -13.25 -34.34
C ASP A 216 -4.95 -14.50 -33.90
N LYS A 217 -5.84 -14.35 -32.92
CA LYS A 217 -6.66 -15.46 -32.46
C LYS A 217 -8.13 -15.08 -32.32
N LYS A 218 -8.99 -15.75 -33.09
CA LYS A 218 -10.43 -15.55 -32.99
C LYS A 218 -10.93 -16.29 -31.75
N VAL A 219 -11.72 -15.59 -30.95
CA VAL A 219 -12.28 -16.12 -29.71
C VAL A 219 -13.79 -16.23 -29.86
N GLU A 220 -14.25 -17.48 -29.92
CA GLU A 220 -15.66 -17.82 -30.09
C GLU A 220 -16.22 -18.51 -28.85
N PRO A 221 -17.55 -18.43 -28.63
CA PRO A 221 -18.20 -19.35 -27.68
C PRO A 221 -18.00 -20.80 -28.12
N LYS A 222 -17.67 -21.68 -27.17
CA LYS A 222 -17.51 -23.12 -27.47
C LYS A 222 -18.85 -23.77 -27.81
N SER A 223 -18.82 -24.75 -28.71
CA SER A 223 -20.03 -25.35 -29.32
C SER A 223 -20.94 -26.10 -28.33
N GLN B 3 23.42 16.65 -4.87
CA GLN B 3 22.54 15.48 -5.14
C GLN B 3 21.04 15.87 -5.11
N MET B 4 20.32 15.40 -6.14
CA MET B 4 18.88 15.68 -6.32
C MET B 4 18.01 14.77 -5.46
N THR B 5 17.04 15.37 -4.76
CA THR B 5 16.13 14.63 -3.90
C THR B 5 14.68 14.94 -4.25
N GLN B 6 13.98 13.95 -4.79
CA GLN B 6 12.55 14.04 -5.02
C GLN B 6 11.78 13.38 -3.88
N SER B 7 10.71 14.03 -3.45
CA SER B 7 9.90 13.53 -2.34
C SER B 7 8.43 13.88 -2.61
N PRO B 8 7.47 13.05 -2.18
CA PRO B 8 7.70 11.75 -1.51
C PRO B 8 7.91 10.64 -2.56
N SER B 9 8.06 9.39 -2.13
CA SER B 9 8.23 8.28 -3.08
C SER B 9 6.91 7.80 -3.63
N SER B 10 5.88 7.79 -2.79
CA SER B 10 4.52 7.51 -3.25
C SER B 10 3.51 8.26 -2.43
N LEU B 11 2.31 8.43 -2.97
CA LEU B 11 1.23 9.07 -2.25
C LEU B 11 -0.10 8.63 -2.80
N SER B 12 -1.10 8.65 -1.93
CA SER B 12 -2.48 8.38 -2.30
C SER B 12 -3.33 9.60 -1.91
N ALA B 13 -4.21 10.02 -2.81
CA ALA B 13 -5.14 11.11 -2.55
C ALA B 13 -6.47 10.86 -3.26
N SER B 14 -7.50 11.61 -2.90
CA SER B 14 -8.83 11.48 -3.54
C SER B 14 -8.95 12.37 -4.78
N VAL B 15 -9.97 12.09 -5.62
CA VAL B 15 -10.26 12.95 -6.77
C VAL B 15 -10.66 14.36 -6.30
N GLY B 16 -10.00 15.38 -6.85
CA GLY B 16 -10.22 16.75 -6.44
C GLY B 16 -9.23 17.28 -5.40
N ASP B 17 -8.34 16.43 -4.90
CA ASP B 17 -7.34 16.83 -3.92
C ASP B 17 -6.16 17.50 -4.57
N ARG B 18 -5.46 18.32 -3.78
CA ARG B 18 -4.22 18.94 -4.20
C ARG B 18 -3.07 17.97 -3.93
N VAL B 19 -2.29 17.71 -4.98
CA VAL B 19 -1.12 16.86 -4.87
C VAL B 19 0.10 17.77 -4.94
N THR B 20 1.01 17.58 -3.99
CA THR B 20 2.23 18.37 -3.92
C THR B 20 3.49 17.48 -3.90
N ILE B 21 4.40 17.74 -4.85
CA ILE B 21 5.65 16.98 -5.01
C ILE B 21 6.82 17.96 -4.99
N THR B 22 7.93 17.59 -4.37
CA THR B 22 9.08 18.48 -4.25
C THR B 22 10.38 17.88 -4.80
N CYS B 23 11.26 18.73 -5.31
CA CYS B 23 12.65 18.38 -5.62
C CYS B 23 13.58 19.44 -5.08
N SER B 24 14.64 18.99 -4.43
CA SER B 24 15.72 19.85 -3.96
C SER B 24 16.96 19.56 -4.80
N ALA B 25 17.59 20.63 -5.28
CA ALA B 25 18.65 20.56 -6.29
C ALA B 25 20.02 21.00 -5.76
N SER B 26 21.07 20.59 -6.47
CA SER B 26 22.44 21.03 -6.20
C SER B 26 22.64 22.53 -6.49
N SER B 27 22.04 23.01 -7.59
CA SER B 27 22.20 24.40 -8.03
C SER B 27 20.92 25.04 -8.59
N SER B 28 20.92 26.38 -8.59
CA SER B 28 19.76 27.18 -9.00
CA SER B 28 19.77 27.21 -8.99
C SER B 28 19.90 27.82 -10.39
N VAL B 29 21.07 27.67 -11.02
CA VAL B 29 21.34 28.36 -12.31
C VAL B 29 20.67 27.80 -13.57
N THR B 30 20.18 26.56 -13.48
CA THR B 30 19.39 25.97 -14.57
C THR B 30 17.99 25.69 -14.06
N TYR B 31 17.02 25.77 -14.96
CA TYR B 31 15.60 25.55 -14.64
C TYR B 31 15.29 24.08 -14.28
N MET B 32 14.10 23.85 -13.73
CA MET B 32 13.62 22.50 -13.38
C MET B 32 12.52 22.08 -14.35
N TYR B 33 12.55 20.82 -14.76
CA TYR B 33 11.51 20.26 -15.64
C TYR B 33 10.75 19.15 -14.92
N TRP B 34 9.48 18.96 -15.28
CA TRP B 34 8.68 17.88 -14.70
C TRP B 34 8.04 17.00 -15.78
N TYR B 35 8.27 15.68 -15.65
CA TYR B 35 7.72 14.65 -16.54
C TYR B 35 6.69 13.77 -15.83
N GLN B 36 5.67 13.37 -16.59
CA GLN B 36 4.66 12.39 -16.18
C GLN B 36 4.85 11.08 -16.97
N GLN B 37 5.02 9.96 -16.26
CA GLN B 37 5.09 8.65 -16.90
C GLN B 37 3.95 7.72 -16.45
N LYS B 38 3.01 7.49 -17.36
CA LYS B 38 1.94 6.50 -17.17
C LYS B 38 2.48 5.09 -17.46
N PRO B 39 1.85 4.04 -16.88
CA PRO B 39 2.41 2.68 -16.98
C PRO B 39 2.42 2.16 -18.43
N GLY B 40 3.56 1.64 -18.86
CA GLY B 40 3.76 1.17 -20.23
C GLY B 40 4.12 2.23 -21.26
N LYS B 41 3.84 3.49 -20.94
CA LYS B 41 4.07 4.63 -21.84
C LYS B 41 5.41 5.33 -21.60
N ALA B 42 5.85 6.11 -22.57
CA ALA B 42 7.05 6.93 -22.46
C ALA B 42 6.78 8.15 -21.57
N PRO B 43 7.85 8.74 -20.97
CA PRO B 43 7.63 9.97 -20.20
C PRO B 43 7.13 11.12 -21.08
N LYS B 44 6.23 11.91 -20.51
CA LYS B 44 5.59 13.04 -21.19
C LYS B 44 5.90 14.32 -20.39
N LEU B 45 6.47 15.32 -21.06
CA LEU B 45 6.78 16.62 -20.43
C LEU B 45 5.52 17.37 -20.06
N LEU B 46 5.44 17.83 -18.80
CA LEU B 46 4.33 18.65 -18.35
C LEU B 46 4.74 20.09 -18.00
N ILE B 47 5.92 20.25 -17.41
CA ILE B 47 6.41 21.55 -17.00
C ILE B 47 7.85 21.73 -17.45
N TYR B 48 8.10 22.82 -18.16
CA TYR B 48 9.46 23.20 -18.51
C TYR B 48 9.81 24.59 -17.98
N ASP B 49 11.10 24.89 -17.94
CA ASP B 49 11.61 26.16 -17.41
C ASP B 49 10.95 26.54 -16.07
N THR B 50 10.95 25.56 -15.14
CA THR B 50 10.44 25.68 -13.77
C THR B 50 8.91 25.84 -13.64
N SER B 51 8.30 26.65 -14.51
CA SER B 51 6.90 27.04 -14.34
C SER B 51 6.06 27.12 -15.62
N ASN B 52 6.68 26.91 -16.77
CA ASN B 52 5.93 26.93 -18.03
C ASN B 52 5.19 25.62 -18.28
N LEU B 53 3.88 25.71 -18.52
CA LEU B 53 3.08 24.60 -19.02
C LEU B 53 3.52 24.20 -20.42
N ALA B 54 3.79 22.92 -20.61
CA ALA B 54 4.02 22.37 -21.94
C ALA B 54 2.72 22.42 -22.74
N SER B 55 2.88 22.45 -24.06
CA SER B 55 1.75 22.54 -25.00
C SER B 55 0.78 21.38 -24.81
N GLY B 56 -0.51 21.71 -24.68
CA GLY B 56 -1.57 20.70 -24.54
C GLY B 56 -1.89 20.26 -23.12
N VAL B 57 -0.93 20.45 -22.21
CA VAL B 57 -1.05 20.08 -20.79
C VAL B 57 -2.13 20.92 -20.10
N PRO B 58 -3.08 20.26 -19.38
CA PRO B 58 -4.13 20.94 -18.62
C PRO B 58 -3.59 21.91 -17.55
N SER B 59 -4.45 22.86 -17.16
CA SER B 59 -4.09 23.99 -16.29
C SER B 59 -3.89 23.61 -14.83
N ARG B 60 -4.48 22.50 -14.41
CA ARG B 60 -4.39 22.01 -13.02
C ARG B 60 -2.96 21.67 -12.59
N PHE B 61 -2.08 21.49 -13.57
CA PHE B 61 -0.65 21.26 -13.35
C PHE B 61 0.12 22.57 -13.32
N SER B 62 0.98 22.72 -12.30
CA SER B 62 1.86 23.88 -12.18
C SER B 62 3.18 23.50 -11.52
N GLY B 63 4.17 24.39 -11.68
CA GLY B 63 5.48 24.21 -11.10
C GLY B 63 6.00 25.54 -10.58
N SER B 64 6.81 25.50 -9.53
CA SER B 64 7.47 26.69 -9.00
C SER B 64 8.84 26.35 -8.45
N GLY B 65 9.59 27.39 -8.13
CA GLY B 65 10.91 27.25 -7.57
C GLY B 65 11.26 28.46 -6.74
N SER B 66 12.11 28.23 -5.74
CA SER B 66 12.60 29.26 -4.84
C SER B 66 13.94 28.77 -4.32
N GLY B 67 15.02 29.40 -4.79
CA GLY B 67 16.38 28.96 -4.47
C GLY B 67 16.64 27.61 -5.10
N THR B 68 17.07 26.65 -4.28
CA THR B 68 17.23 25.26 -4.73
C THR B 68 16.03 24.34 -4.42
N ASP B 69 14.88 24.92 -4.06
CA ASP B 69 13.67 24.15 -3.75
C ASP B 69 12.57 24.33 -4.79
N TYR B 70 12.12 23.22 -5.37
CA TYR B 70 11.18 23.24 -6.47
C TYR B 70 9.94 22.42 -6.13
N THR B 71 8.80 22.87 -6.63
CA THR B 71 7.51 22.31 -6.29
C THR B 71 6.69 22.06 -7.55
N PHE B 72 6.05 20.89 -7.60
CA PHE B 72 5.12 20.52 -8.66
C PHE B 72 3.78 20.24 -8.01
N THR B 73 2.74 20.86 -8.57
CA THR B 73 1.42 20.78 -7.98
C THR B 73 0.37 20.35 -9.00
N ILE B 74 -0.45 19.39 -8.61
CA ILE B 74 -1.69 19.10 -9.28
C ILE B 74 -2.76 19.67 -8.36
N SER B 75 -3.43 20.73 -8.82
CA SER B 75 -4.40 21.47 -8.00
C SER B 75 -5.69 20.70 -7.74
N SER B 76 -6.04 19.79 -8.65
CA SER B 76 -7.27 18.99 -8.52
C SER B 76 -7.06 17.63 -9.18
N LEU B 77 -6.74 16.63 -8.36
CA LEU B 77 -6.37 15.29 -8.85
C LEU B 77 -7.53 14.65 -9.62
N GLN B 78 -7.23 14.20 -10.83
CA GLN B 78 -8.21 13.54 -11.72
C GLN B 78 -7.83 12.05 -11.91
N PRO B 79 -8.84 11.18 -12.20
CA PRO B 79 -8.56 9.75 -12.43
C PRO B 79 -7.42 9.45 -13.40
N GLU B 80 -7.34 10.19 -14.51
CA GLU B 80 -6.29 10.00 -15.52
C GLU B 80 -4.88 10.45 -15.09
N ASP B 81 -4.78 11.14 -13.95
CA ASP B 81 -3.49 11.64 -13.45
C ASP B 81 -2.63 10.62 -12.71
N ILE B 82 -3.13 9.38 -12.53
CA ILE B 82 -2.32 8.34 -11.90
C ILE B 82 -1.13 7.98 -12.80
N ALA B 83 0.06 8.01 -12.20
CA ALA B 83 1.34 7.98 -12.93
C ALA B 83 2.47 8.07 -11.94
N THR B 84 3.69 7.87 -12.42
CA THR B 84 4.91 8.26 -11.72
C THR B 84 5.43 9.56 -12.32
N TYR B 85 5.69 10.54 -11.46
CA TYR B 85 6.17 11.87 -11.86
C TYR B 85 7.63 12.00 -11.53
N TYR B 86 8.39 12.65 -12.42
CA TYR B 86 9.83 12.87 -12.23
C TYR B 86 10.19 14.33 -12.48
N CYS B 87 11.08 14.87 -11.65
CA CYS B 87 11.70 16.14 -11.95
C CYS B 87 13.01 15.86 -12.68
N GLN B 88 13.51 16.86 -13.39
CA GLN B 88 14.74 16.74 -14.17
C GLN B 88 15.45 18.09 -14.23
N GLN B 89 16.76 18.05 -14.05
CA GLN B 89 17.58 19.26 -14.12
C GLN B 89 18.96 18.97 -14.71
N TRP B 90 19.43 19.93 -15.51
CA TRP B 90 20.78 19.89 -16.05
C TRP B 90 21.71 20.45 -14.98
N SER B 91 22.75 19.70 -14.64
CA SER B 91 23.65 19.99 -13.54
C SER B 91 24.93 19.20 -13.72
N SER B 92 26.07 19.91 -13.66
CA SER B 92 27.41 19.33 -13.85
C SER B 92 27.53 18.49 -15.13
N HIS B 93 27.16 19.11 -16.26
CA HIS B 93 27.29 18.56 -17.62
C HIS B 93 26.39 17.35 -17.99
N ILE B 94 25.46 16.98 -17.09
CA ILE B 94 24.46 15.92 -17.37
C ILE B 94 23.02 16.34 -17.00
N PHE B 95 22.02 15.64 -17.55
CA PHE B 95 20.64 15.70 -17.05
C PHE B 95 20.44 14.64 -15.97
N THR B 96 19.95 15.07 -14.82
CA THR B 96 19.63 14.16 -13.71
C THR B 96 18.12 14.18 -13.49
N PHE B 97 17.53 12.98 -13.41
CA PHE B 97 16.13 12.81 -13.05
C PHE B 97 15.99 12.61 -11.54
N GLY B 98 14.86 13.03 -10.98
CA GLY B 98 14.51 12.71 -9.60
C GLY B 98 14.18 11.23 -9.47
N GLN B 99 14.05 10.76 -8.23
CA GLN B 99 13.81 9.34 -7.94
C GLN B 99 12.39 8.92 -8.32
N GLY B 100 11.49 9.89 -8.45
CA GLY B 100 10.11 9.62 -8.87
C GLY B 100 9.11 9.61 -7.72
N THR B 101 7.86 9.92 -8.07
CA THR B 101 6.77 9.95 -7.11
C THR B 101 5.59 9.25 -7.76
N LYS B 102 5.19 8.11 -7.19
CA LYS B 102 4.02 7.38 -7.67
C LYS B 102 2.79 8.00 -7.06
N VAL B 103 1.85 8.39 -7.91
CA VAL B 103 0.60 9.03 -7.45
C VAL B 103 -0.56 8.06 -7.67
N GLU B 104 -1.24 7.74 -6.59
CA GLU B 104 -2.35 6.76 -6.61
C GLU B 104 -3.65 7.42 -6.16
N ILE B 105 -4.78 6.83 -6.52
CA ILE B 105 -6.09 7.35 -6.10
C ILE B 105 -6.79 6.50 -5.05
N LYS B 106 -7.24 7.19 -3.99
CA LYS B 106 -8.15 6.65 -2.99
C LYS B 106 -9.57 6.87 -3.48
N ARG B 107 -10.37 5.82 -3.48
CA ARG B 107 -11.77 5.88 -3.94
C ARG B 107 -12.64 4.96 -3.08
N THR B 108 -13.94 4.92 -3.36
CA THR B 108 -14.87 4.07 -2.62
C THR B 108 -14.63 2.59 -2.93
N VAL B 109 -15.01 1.73 -1.97
CA VAL B 109 -14.94 0.28 -2.12
C VAL B 109 -15.83 -0.15 -3.30
N ALA B 110 -15.30 -1.04 -4.14
CA ALA B 110 -16.08 -1.69 -5.21
C ALA B 110 -15.74 -3.17 -5.28
N ALA B 111 -16.79 -4.00 -5.33
CA ALA B 111 -16.65 -5.46 -5.34
C ALA B 111 -16.18 -5.98 -6.71
N PRO B 112 -15.31 -7.02 -6.74
CA PRO B 112 -14.93 -7.61 -8.03
C PRO B 112 -16.04 -8.40 -8.71
N SER B 113 -16.05 -8.36 -10.04
CA SER B 113 -16.83 -9.29 -10.86
C SER B 113 -15.93 -10.48 -11.16
N VAL B 114 -16.39 -11.67 -10.79
CA VAL B 114 -15.57 -12.88 -10.88
C VAL B 114 -16.00 -13.73 -12.08
N PHE B 115 -15.02 -14.16 -12.86
CA PHE B 115 -15.24 -15.04 -14.02
C PHE B 115 -14.20 -16.13 -14.07
N ILE B 116 -14.63 -17.34 -14.42
CA ILE B 116 -13.74 -18.50 -14.55
C ILE B 116 -13.70 -19.02 -16.00
N PHE B 117 -12.50 -19.39 -16.45
CA PHE B 117 -12.30 -19.86 -17.81
C PHE B 117 -11.61 -21.23 -17.81
N PRO B 118 -12.31 -22.28 -18.29
CA PRO B 118 -11.66 -23.58 -18.49
C PRO B 118 -10.53 -23.49 -19.52
N PRO B 119 -9.58 -24.44 -19.51
CA PRO B 119 -8.58 -24.45 -20.58
C PRO B 119 -9.21 -24.78 -21.93
N SER B 120 -8.60 -24.31 -23.00
CA SER B 120 -9.04 -24.63 -24.36
C SER B 120 -8.71 -26.08 -24.70
N ASP B 121 -9.55 -26.71 -25.53
CA ASP B 121 -9.30 -28.07 -26.04
C ASP B 121 -7.92 -28.16 -26.69
N GLU B 122 -7.57 -27.12 -27.46
CA GLU B 122 -6.27 -27.04 -28.14
C GLU B 122 -5.08 -27.14 -27.18
N GLN B 123 -5.12 -26.39 -26.08
CA GLN B 123 -4.05 -26.46 -25.08
C GLN B 123 -4.04 -27.81 -24.35
N LEU B 124 -5.22 -28.22 -23.89
CA LEU B 124 -5.39 -29.45 -23.10
C LEU B 124 -4.79 -30.66 -23.78
N LYS B 125 -5.22 -30.94 -25.01
CA LYS B 125 -4.79 -32.12 -25.76
C LYS B 125 -3.32 -32.11 -26.17
N SER B 126 -2.69 -30.93 -26.10
CA SER B 126 -1.24 -30.81 -26.33
C SER B 126 -0.39 -30.96 -25.05
N GLY B 127 -1.04 -31.23 -23.91
CA GLY B 127 -0.29 -31.61 -22.69
C GLY B 127 -0.54 -30.90 -21.37
N THR B 128 -1.03 -29.66 -21.41
CA THR B 128 -1.21 -28.83 -20.20
C THR B 128 -2.56 -28.12 -20.16
N ALA B 129 -3.10 -27.97 -18.95
CA ALA B 129 -4.32 -27.20 -18.72
C ALA B 129 -4.06 -25.96 -17.85
N SER B 130 -4.29 -24.79 -18.45
CA SER B 130 -4.28 -23.53 -17.71
C SER B 130 -5.73 -23.13 -17.44
N VAL B 131 -6.07 -22.97 -16.17
CA VAL B 131 -7.41 -22.52 -15.77
C VAL B 131 -7.27 -21.09 -15.25
N VAL B 132 -8.18 -20.22 -15.67
CA VAL B 132 -8.03 -18.78 -15.42
C VAL B 132 -9.22 -18.23 -14.64
N CYS B 133 -8.92 -17.52 -13.55
CA CYS B 133 -9.92 -16.80 -12.76
C CYS B 133 -9.68 -15.30 -12.93
N LEU B 134 -10.74 -14.58 -13.26
CA LEU B 134 -10.67 -13.15 -13.53
C LEU B 134 -11.46 -12.37 -12.51
N LEU B 135 -10.80 -11.39 -11.89
CA LEU B 135 -11.43 -10.47 -10.94
C LEU B 135 -11.44 -9.10 -11.58
N ASN B 136 -12.64 -8.58 -11.85
CA ASN B 136 -12.80 -7.41 -12.69
C ASN B 136 -13.24 -6.15 -11.95
N ASN B 137 -12.44 -5.07 -12.10
CA ASN B 137 -12.77 -3.72 -11.62
C ASN B 137 -13.21 -3.62 -10.14
N PHE B 138 -12.24 -3.84 -9.26
CA PHE B 138 -12.45 -3.79 -7.81
C PHE B 138 -11.53 -2.79 -7.11
N TYR B 139 -11.93 -2.36 -5.90
CA TYR B 139 -11.11 -1.49 -5.03
C TYR B 139 -11.49 -1.75 -3.56
N PRO B 140 -10.53 -1.91 -2.64
CA PRO B 140 -9.08 -1.68 -2.86
C PRO B 140 -8.34 -2.87 -3.47
N ARG B 141 -7.01 -2.74 -3.59
CA ARG B 141 -6.17 -3.68 -4.32
C ARG B 141 -6.13 -5.08 -3.73
N GLU B 142 -6.21 -5.16 -2.40
CA GLU B 142 -6.09 -6.43 -1.66
C GLU B 142 -7.24 -7.36 -2.01
N ALA B 143 -6.88 -8.58 -2.40
CA ALA B 143 -7.84 -9.61 -2.78
C ALA B 143 -7.23 -10.99 -2.56
N LYS B 144 -8.08 -11.96 -2.19
CA LYS B 144 -7.65 -13.34 -2.02
C LYS B 144 -8.32 -14.27 -3.01
N VAL B 145 -7.51 -14.96 -3.81
CA VAL B 145 -8.01 -15.96 -4.75
C VAL B 145 -7.56 -17.36 -4.30
N GLN B 146 -8.53 -18.22 -4.02
CA GLN B 146 -8.26 -19.61 -3.65
C GLN B 146 -8.77 -20.59 -4.71
N TRP B 147 -7.88 -21.42 -5.25
CA TRP B 147 -8.24 -22.45 -6.23
C TRP B 147 -8.63 -23.78 -5.58
N LYS B 148 -9.82 -24.26 -5.93
CA LYS B 148 -10.35 -25.55 -5.45
C LYS B 148 -10.57 -26.55 -6.59
N VAL B 149 -10.06 -27.76 -6.42
CA VAL B 149 -10.27 -28.88 -7.35
C VAL B 149 -10.86 -30.07 -6.58
N ASP B 150 -12.13 -30.38 -6.87
CA ASP B 150 -12.95 -31.36 -6.12
C ASP B 150 -12.91 -31.08 -4.61
N ASN B 151 -13.20 -29.83 -4.25
CA ASN B 151 -13.11 -29.28 -2.88
C ASN B 151 -11.72 -29.28 -2.20
N ALA B 152 -10.69 -29.72 -2.91
CA ALA B 152 -9.31 -29.70 -2.39
C ALA B 152 -8.59 -28.39 -2.75
N LEU B 153 -8.03 -27.76 -1.73
CA LEU B 153 -7.35 -26.47 -1.87
C LEU B 153 -5.95 -26.61 -2.47
N GLN B 154 -5.69 -25.85 -3.53
CA GLN B 154 -4.44 -25.93 -4.28
C GLN B 154 -3.37 -24.99 -3.74
N SER B 155 -2.11 -25.35 -3.96
CA SER B 155 -0.95 -24.49 -3.63
C SER B 155 0.29 -24.91 -4.39
N GLY B 156 1.12 -23.92 -4.73
CA GLY B 156 2.34 -24.13 -5.51
C GLY B 156 2.13 -24.18 -7.02
N ASN B 157 0.88 -24.36 -7.44
CA ASN B 157 0.53 -24.55 -8.85
C ASN B 157 -0.27 -23.39 -9.47
N SER B 158 -0.27 -22.23 -8.81
CA SER B 158 -0.94 -21.03 -9.33
C SER B 158 -0.06 -19.78 -9.28
N GLN B 159 -0.33 -18.87 -10.22
CA GLN B 159 0.33 -17.56 -10.29
C GLN B 159 -0.70 -16.50 -10.65
N GLU B 160 -0.48 -15.29 -10.16
CA GLU B 160 -1.41 -14.17 -10.40
C GLU B 160 -0.70 -12.86 -10.71
N SER B 161 -1.42 -11.96 -11.36
CA SER B 161 -0.97 -10.59 -11.59
C SER B 161 -2.12 -9.58 -11.51
N VAL B 162 -1.76 -8.34 -11.20
CA VAL B 162 -2.74 -7.26 -10.99
C VAL B 162 -2.40 -6.12 -11.94
N THR B 163 -3.42 -5.51 -12.53
CA THR B 163 -3.22 -4.33 -13.36
C THR B 163 -2.85 -3.11 -12.52
N GLU B 164 -2.26 -2.12 -13.18
CA GLU B 164 -2.18 -0.77 -12.62
C GLU B 164 -3.59 -0.19 -12.50
N GLN B 165 -3.74 0.81 -11.65
CA GLN B 165 -5.03 1.44 -11.39
C GLN B 165 -5.61 2.00 -12.69
N ASP B 166 -6.92 1.80 -12.90
CA ASP B 166 -7.57 2.20 -14.15
C ASP B 166 -7.66 3.72 -14.24
N SER B 167 -7.37 4.25 -15.42
CA SER B 167 -7.31 5.71 -15.63
C SER B 167 -8.69 6.38 -15.68
N LYS B 168 -9.75 5.57 -15.72
CA LYS B 168 -11.11 6.09 -15.76
C LYS B 168 -11.88 5.91 -14.45
N ASP B 169 -11.86 4.70 -13.87
CA ASP B 169 -12.65 4.44 -12.64
C ASP B 169 -11.83 4.15 -11.39
N SER B 170 -10.50 4.17 -11.52
CA SER B 170 -9.56 4.02 -10.39
C SER B 170 -9.58 2.63 -9.72
N THR B 171 -10.09 1.63 -10.46
CA THR B 171 -10.15 0.25 -9.98
C THR B 171 -8.94 -0.58 -10.43
N TYR B 172 -8.83 -1.76 -9.84
CA TYR B 172 -7.82 -2.74 -10.19
C TYR B 172 -8.50 -3.98 -10.78
N SER B 173 -7.75 -4.76 -11.56
CA SER B 173 -8.23 -6.06 -12.03
C SER B 173 -7.17 -7.11 -11.80
N LEU B 174 -7.61 -8.34 -11.52
CA LEU B 174 -6.70 -9.43 -11.17
C LEU B 174 -6.96 -10.69 -12.01
N SER B 175 -5.87 -11.30 -12.47
CA SER B 175 -5.90 -12.55 -13.22
C SER B 175 -5.10 -13.63 -12.49
N SER B 176 -5.73 -14.77 -12.23
CA SER B 176 -5.07 -15.93 -11.63
C SER B 176 -5.13 -17.17 -12.53
N THR B 177 -3.96 -17.77 -12.76
CA THR B 177 -3.81 -18.95 -13.61
C THR B 177 -3.44 -20.18 -12.79
N LEU B 178 -4.29 -21.21 -12.84
CA LEU B 178 -3.99 -22.52 -12.27
C LEU B 178 -3.46 -23.45 -13.37
N THR B 179 -2.21 -23.88 -13.24
CA THR B 179 -1.55 -24.74 -14.23
C THR B 179 -1.50 -26.20 -13.76
N LEU B 180 -2.06 -27.09 -14.57
CA LEU B 180 -2.03 -28.54 -14.33
C LEU B 180 -1.61 -29.29 -15.59
N SER B 181 -1.06 -30.49 -15.40
CA SER B 181 -0.84 -31.44 -16.50
C SER B 181 -2.18 -31.93 -17.04
N LYS B 182 -2.19 -32.34 -18.32
CA LYS B 182 -3.36 -32.96 -18.96
C LYS B 182 -3.95 -34.08 -18.09
N ALA B 183 -3.09 -35.01 -17.68
CA ALA B 183 -3.48 -36.17 -16.86
C ALA B 183 -4.16 -35.75 -15.57
N ASP B 184 -3.54 -34.84 -14.82
CA ASP B 184 -4.09 -34.32 -13.57
C ASP B 184 -5.43 -33.60 -13.74
N TYR B 185 -5.55 -32.85 -14.85
CA TYR B 185 -6.79 -32.13 -15.17
C TYR B 185 -7.98 -33.05 -15.48
N GLU B 186 -7.76 -34.05 -16.35
CA GLU B 186 -8.81 -35.01 -16.74
C GLU B 186 -9.22 -35.96 -15.60
N LYS B 187 -8.37 -36.04 -14.58
CA LYS B 187 -8.59 -36.85 -13.38
C LYS B 187 -9.69 -36.31 -12.45
N HIS B 188 -10.08 -35.05 -12.62
CA HIS B 188 -11.00 -34.37 -11.69
C HIS B 188 -12.19 -33.69 -12.37
N LYS B 189 -13.27 -33.46 -11.62
CA LYS B 189 -14.51 -32.90 -12.17
C LYS B 189 -14.77 -31.40 -11.92
N VAL B 190 -14.83 -30.99 -10.65
CA VAL B 190 -15.21 -29.62 -10.27
C VAL B 190 -14.01 -28.67 -10.08
N TYR B 191 -14.03 -27.57 -10.83
CA TYR B 191 -12.97 -26.54 -10.79
C TYR B 191 -13.55 -25.22 -10.38
N ALA B 192 -12.97 -24.63 -9.32
CA ALA B 192 -13.53 -23.42 -8.72
C ALA B 192 -12.46 -22.44 -8.23
N CYS B 193 -12.74 -21.15 -8.38
CA CYS B 193 -11.97 -20.12 -7.69
C CYS B 193 -12.84 -19.41 -6.66
N GLU B 194 -12.29 -19.30 -5.46
CA GLU B 194 -12.95 -18.63 -4.34
C GLU B 194 -12.30 -17.26 -4.11
N VAL B 195 -13.11 -16.22 -4.18
CA VAL B 195 -12.63 -14.85 -4.10
C VAL B 195 -13.04 -14.19 -2.78
N THR B 196 -12.03 -13.74 -2.02
CA THR B 196 -12.23 -12.94 -0.81
C THR B 196 -11.80 -11.48 -1.05
N HIS B 197 -12.75 -10.56 -0.84
CA HIS B 197 -12.52 -9.14 -0.98
C HIS B 197 -13.42 -8.31 -0.06
N GLN B 198 -12.88 -7.21 0.46
CA GLN B 198 -13.57 -6.27 1.35
C GLN B 198 -14.97 -5.84 0.88
N GLY B 199 -15.16 -5.75 -0.43
CA GLY B 199 -16.43 -5.37 -1.03
C GLY B 199 -17.47 -6.48 -1.12
N LEU B 200 -17.09 -7.69 -0.72
CA LEU B 200 -18.01 -8.83 -0.70
C LEU B 200 -18.31 -9.21 0.74
N SER B 201 -19.61 -9.32 1.05
CA SER B 201 -20.08 -9.63 2.41
C SER B 201 -19.76 -11.06 2.86
N SER B 202 -19.49 -11.93 1.89
CA SER B 202 -18.96 -13.29 2.09
C SER B 202 -18.19 -13.75 0.84
N PRO B 203 -17.17 -14.63 1.00
CA PRO B 203 -16.41 -15.16 -0.14
C PRO B 203 -17.28 -15.71 -1.27
N VAL B 204 -16.94 -15.32 -2.51
CA VAL B 204 -17.70 -15.67 -3.71
C VAL B 204 -16.95 -16.75 -4.49
N THR B 205 -17.68 -17.80 -4.87
CA THR B 205 -17.14 -18.92 -5.63
C THR B 205 -17.71 -18.93 -7.06
N LYS B 206 -16.82 -19.13 -8.04
CA LYS B 206 -17.22 -19.34 -9.42
C LYS B 206 -16.62 -20.65 -9.91
N SER B 207 -17.48 -21.50 -10.48
CA SER B 207 -17.09 -22.87 -10.84
C SER B 207 -17.65 -23.38 -12.16
N PHE B 208 -16.99 -24.43 -12.67
CA PHE B 208 -17.48 -25.23 -13.79
C PHE B 208 -17.17 -26.70 -13.55
N ASN B 209 -17.96 -27.58 -14.16
CA ASN B 209 -17.67 -29.01 -14.20
C ASN B 209 -17.04 -29.39 -15.54
N ARG B 210 -15.91 -30.08 -15.47
CA ARG B 210 -15.11 -30.45 -16.66
C ARG B 210 -15.91 -31.20 -17.73
N GLY B 211 -15.84 -30.70 -18.95
CA GLY B 211 -16.45 -31.33 -20.12
C GLY B 211 -17.96 -31.18 -20.29
N GLU B 212 -18.53 -30.12 -19.71
CA GLU B 212 -19.96 -29.82 -19.87
C GLU B 212 -20.27 -28.32 -19.86
N GLN C 1 3.08 16.66 38.74
CA GLN C 1 2.73 15.75 37.62
C GLN C 1 1.40 16.18 36.96
N VAL C 2 1.53 16.84 35.81
CA VAL C 2 0.37 17.44 35.13
C VAL C 2 -0.14 16.52 34.03
N GLN C 3 -1.35 15.99 34.25
CA GLN C 3 -2.07 15.22 33.25
C GLN C 3 -3.59 15.20 33.46
N LEU C 4 -4.29 14.89 32.37
CA LEU C 4 -5.74 14.71 32.39
C LEU C 4 -6.02 13.22 32.49
N VAL C 5 -6.73 12.83 33.54
CA VAL C 5 -6.99 11.43 33.85
C VAL C 5 -8.44 11.15 33.51
N GLN C 6 -8.65 10.13 32.68
CA GLN C 6 -9.99 9.80 32.22
C GLN C 6 -10.46 8.47 32.78
N SER C 7 -11.77 8.30 32.85
CA SER C 7 -12.38 7.06 33.32
C SER C 7 -12.08 5.88 32.39
N GLY C 8 -12.25 4.67 32.92
CA GLY C 8 -11.83 3.46 32.22
C GLY C 8 -12.75 3.06 31.09
N ALA C 9 -12.20 2.30 30.14
CA ALA C 9 -12.94 1.67 29.05
C ALA C 9 -14.13 0.85 29.55
N GLU C 10 -15.25 0.95 28.82
CA GLU C 10 -16.53 0.34 29.20
C GLU C 10 -17.23 -0.23 27.98
N VAL C 11 -17.89 -1.37 28.15
CA VAL C 11 -18.89 -1.83 27.19
C VAL C 11 -20.28 -1.38 27.67
N LYS C 12 -21.08 -0.88 26.73
CA LYS C 12 -22.49 -0.59 26.97
C LYS C 12 -23.39 -1.19 25.86
N LYS C 13 -24.62 -1.51 26.23
CA LYS C 13 -25.61 -2.09 25.31
C LYS C 13 -26.23 -1.03 24.39
N PRO C 14 -26.60 -1.41 23.15
CA PRO C 14 -27.33 -0.46 22.29
C PRO C 14 -28.59 0.10 22.96
N GLY C 15 -28.76 1.42 22.86
CA GLY C 15 -29.90 2.10 23.48
C GLY C 15 -29.63 2.64 24.88
N ALA C 16 -28.59 2.13 25.54
CA ALA C 16 -28.23 2.58 26.90
C ALA C 16 -27.51 3.94 26.88
N SER C 17 -27.30 4.51 28.06
CA SER C 17 -26.51 5.73 28.25
C SER C 17 -25.15 5.40 28.87
N VAL C 18 -24.19 6.30 28.66
CA VAL C 18 -22.86 6.21 29.30
C VAL C 18 -22.38 7.60 29.69
N LYS C 19 -21.74 7.68 30.85
CA LYS C 19 -21.20 8.93 31.36
C LYS C 19 -19.70 8.73 31.63
N VAL C 20 -18.87 9.35 30.80
CA VAL C 20 -17.42 9.28 30.96
C VAL C 20 -16.88 10.52 31.66
N SER C 21 -15.79 10.36 32.40
CA SER C 21 -15.26 11.43 33.23
C SER C 21 -13.83 11.82 32.88
N CYS C 22 -13.51 13.08 33.14
CA CYS C 22 -12.16 13.62 32.95
C CYS C 22 -11.83 14.48 34.17
N LYS C 23 -10.65 14.25 34.73
CA LYS C 23 -10.21 14.97 35.93
C LYS C 23 -8.72 15.30 35.82
N ALA C 24 -8.41 16.59 35.89
CA ALA C 24 -7.02 17.05 35.84
C ALA C 24 -6.27 16.73 37.13
N SER C 25 -4.97 16.47 36.97
CA SER C 25 -4.06 16.23 38.07
C SER C 25 -2.92 17.23 37.99
N GLY C 26 -2.44 17.67 39.15
CA GLY C 26 -1.33 18.62 39.25
C GLY C 26 -1.74 20.07 39.06
N TYR C 27 -2.29 20.36 37.89
CA TYR C 27 -2.82 21.67 37.50
C TYR C 27 -4.34 21.55 37.40
N THR C 28 -5.08 22.53 37.89
CA THR C 28 -6.56 22.42 37.98
C THR C 28 -7.27 22.57 36.63
N PHE C 29 -6.70 23.38 35.73
CA PHE C 29 -7.30 23.77 34.43
C PHE C 29 -8.65 24.50 34.57
N THR C 30 -9.01 24.89 35.79
CA THR C 30 -10.32 25.50 36.10
C THR C 30 -10.56 26.81 35.34
N SER C 31 -9.50 27.59 35.13
CA SER C 31 -9.57 28.87 34.41
C SER C 31 -9.60 28.73 32.88
N HIS C 32 -9.53 27.50 32.37
CA HIS C 32 -9.36 27.25 30.93
C HIS C 32 -10.50 26.46 30.31
N TRP C 33 -10.96 26.89 29.13
CA TRP C 33 -11.88 26.08 28.34
C TRP C 33 -11.25 24.72 27.99
N MET C 34 -12.09 23.68 27.96
CA MET C 34 -11.62 22.32 27.68
C MET C 34 -12.50 21.67 26.62
N HIS C 35 -12.06 20.53 26.08
CA HIS C 35 -12.72 19.91 24.93
C HIS C 35 -13.03 18.46 25.13
N TRP C 36 -14.09 17.99 24.48
CA TRP C 36 -14.30 16.57 24.24
C TRP C 36 -14.12 16.29 22.74
N VAL C 37 -13.45 15.19 22.42
CA VAL C 37 -13.12 14.81 21.04
C VAL C 37 -13.38 13.31 20.87
N ARG C 38 -13.91 12.95 19.69
CA ARG C 38 -14.24 11.57 19.32
CA ARG C 38 -14.23 11.56 19.33
C ARG C 38 -13.27 11.04 18.26
N GLN C 39 -12.82 9.79 18.43
CA GLN C 39 -12.06 9.09 17.40
C GLN C 39 -12.55 7.64 17.29
N ALA C 40 -13.37 7.38 16.27
CA ALA C 40 -13.81 6.02 15.93
C ALA C 40 -12.60 5.18 15.47
N PRO C 41 -12.65 3.83 15.64
CA PRO C 41 -11.44 3.02 15.40
C PRO C 41 -10.94 3.13 13.96
N GLY C 42 -9.65 3.43 13.81
CA GLY C 42 -9.03 3.66 12.50
C GLY C 42 -9.49 4.90 11.73
N GLN C 43 -10.33 5.73 12.35
CA GLN C 43 -10.88 6.95 11.71
CA GLN C 43 -10.88 6.95 11.71
C GLN C 43 -10.21 8.23 12.25
N GLY C 44 -10.66 9.40 11.78
CA GLY C 44 -10.08 10.68 12.17
C GLY C 44 -10.67 11.30 13.43
N LEU C 45 -10.13 12.46 13.79
CA LEU C 45 -10.54 13.17 15.00
C LEU C 45 -11.75 14.04 14.69
N GLU C 46 -12.74 14.01 15.58
CA GLU C 46 -13.93 14.85 15.45
C GLU C 46 -14.17 15.64 16.74
N TRP C 47 -14.44 16.94 16.59
CA TRP C 47 -14.74 17.82 17.71
C TRP C 47 -16.17 17.59 18.22
N ILE C 48 -16.31 17.26 19.50
CA ILE C 48 -17.64 17.13 20.12
C ILE C 48 -18.12 18.48 20.67
N GLY C 49 -17.26 19.13 21.44
CA GLY C 49 -17.61 20.41 22.06
C GLY C 49 -16.59 20.88 23.06
N GLU C 50 -16.77 22.12 23.49
CA GLU C 50 -15.93 22.69 24.53
C GLU C 50 -16.79 23.12 25.72
N PHE C 51 -16.17 23.11 26.90
CA PHE C 51 -16.84 23.51 28.14
C PHE C 51 -15.91 24.32 29.04
N ASN C 52 -16.52 25.14 29.89
CA ASN C 52 -15.80 25.91 30.89
C ASN C 52 -15.94 25.24 32.27
N PRO C 53 -14.81 24.72 32.83
CA PRO C 53 -14.82 23.99 34.09
C PRO C 53 -15.16 24.84 35.31
N SER C 54 -15.02 26.17 35.20
CA SER C 54 -15.33 27.06 36.31
C SER C 54 -16.83 27.38 36.45
N ASN C 55 -17.56 27.45 35.33
CA ASN C 55 -19.00 27.81 35.38
C ASN C 55 -19.99 26.89 34.66
N GLY C 56 -19.47 25.86 33.99
CA GLY C 56 -20.31 24.90 33.26
C GLY C 56 -20.90 25.39 31.94
N ARG C 57 -20.41 26.52 31.42
CA ARG C 57 -20.80 26.97 30.07
C ARG C 57 -20.37 25.93 29.04
N THR C 58 -21.17 25.78 27.98
CA THR C 58 -20.88 24.80 26.92
C THR C 58 -21.00 25.38 25.51
N ASN C 59 -20.26 24.79 24.58
CA ASN C 59 -20.27 25.17 23.15
C ASN C 59 -20.08 23.90 22.33
N TYR C 60 -21.18 23.41 21.76
CA TYR C 60 -21.25 22.10 21.11
C TYR C 60 -21.03 22.19 19.61
N ASN C 61 -20.42 21.14 19.05
CA ASN C 61 -20.57 20.83 17.65
C ASN C 61 -22.06 20.48 17.44
N GLU C 62 -22.70 21.14 16.48
CA GLU C 62 -24.14 20.93 16.19
C GLU C 62 -24.50 19.47 15.97
N LYS C 63 -23.59 18.75 15.31
CA LYS C 63 -23.75 17.33 15.01
CA LYS C 63 -23.75 17.33 15.01
C LYS C 63 -23.94 16.50 16.28
N PHE C 64 -23.38 16.96 17.40
CA PHE C 64 -23.44 16.22 18.67
C PHE C 64 -24.48 16.68 19.69
N LYS C 65 -25.22 17.73 19.37
CA LYS C 65 -26.22 18.32 20.29
C LYS C 65 -27.29 17.34 20.80
N SER C 66 -27.67 16.38 19.95
CA SER C 66 -28.66 15.35 20.32
C SER C 66 -28.04 14.17 21.06
N LYS C 67 -26.71 14.02 20.95
CA LYS C 67 -25.98 12.84 21.39
C LYS C 67 -25.22 13.02 22.73
N ALA C 68 -24.55 14.16 22.89
CA ALA C 68 -23.66 14.40 24.03
C ALA C 68 -24.19 15.47 24.96
N THR C 69 -23.94 15.30 26.25
CA THR C 69 -24.19 16.35 27.25
C THR C 69 -22.90 16.52 28.06
N MET C 70 -22.34 17.73 28.02
CA MET C 70 -21.11 18.03 28.75
C MET C 70 -21.46 18.74 30.05
N THR C 71 -20.99 18.20 31.17
CA THR C 71 -21.18 18.84 32.49
C THR C 71 -19.88 18.90 33.29
N VAL C 72 -19.87 19.79 34.29
CA VAL C 72 -18.79 19.86 35.27
C VAL C 72 -19.37 19.85 36.69
N ASP C 73 -18.80 19.01 37.55
CA ASP C 73 -19.03 19.10 38.99
C ASP C 73 -17.95 20.00 39.60
N THR C 74 -18.31 21.26 39.81
CA THR C 74 -17.39 22.28 40.33
C THR C 74 -16.87 21.97 41.75
N SER C 75 -17.59 21.14 42.49
CA SER C 75 -17.18 20.78 43.86
C SER C 75 -16.07 19.70 43.91
N THR C 76 -15.91 18.95 42.82
CA THR C 76 -14.84 17.95 42.71
C THR C 76 -13.86 18.21 41.54
N ASN C 77 -14.04 19.34 40.85
CA ASN C 77 -13.28 19.67 39.63
C ASN C 77 -13.23 18.50 38.63
N THR C 78 -14.38 17.87 38.41
CA THR C 78 -14.51 16.72 37.50
C THR C 78 -15.45 17.05 36.35
N ALA C 79 -14.97 16.76 35.14
CA ALA C 79 -15.76 16.93 33.92
C ALA C 79 -16.43 15.62 33.52
N TYR C 80 -17.67 15.74 33.06
CA TYR C 80 -18.43 14.60 32.58
C TYR C 80 -18.99 14.82 31.18
N MET C 81 -19.01 13.74 30.41
CA MET C 81 -19.64 13.74 29.11
C MET C 81 -20.56 12.54 29.02
N GLU C 82 -21.85 12.81 28.91
CA GLU C 82 -22.86 11.76 28.80
C GLU C 82 -23.31 11.56 27.36
N LEU C 83 -23.24 10.31 26.92
CA LEU C 83 -23.73 9.89 25.61
C LEU C 83 -25.05 9.11 25.77
N SER C 84 -26.09 9.57 25.08
CA SER C 84 -27.42 8.94 25.14
C SER C 84 -27.73 8.08 23.90
N SER C 85 -28.69 7.17 24.06
CA SER C 85 -29.18 6.28 22.97
C SER C 85 -28.05 5.70 22.13
N LEU C 86 -27.17 4.95 22.79
CA LEU C 86 -25.95 4.45 22.15
C LEU C 86 -26.23 3.50 20.98
N ARG C 87 -25.40 3.62 19.96
CA ARG C 87 -25.47 2.81 18.75
C ARG C 87 -24.06 2.44 18.33
N SER C 88 -23.93 1.52 17.37
CA SER C 88 -22.63 1.02 16.88
C SER C 88 -21.64 2.10 16.43
N GLU C 89 -22.16 3.19 15.87
CA GLU C 89 -21.32 4.31 15.41
C GLU C 89 -20.74 5.17 16.56
N ASP C 90 -21.24 4.97 17.78
CA ASP C 90 -20.71 5.63 18.98
C ASP C 90 -19.47 4.95 19.55
N THR C 91 -19.16 3.75 19.03
CA THR C 91 -17.99 2.98 19.44
C THR C 91 -16.74 3.76 19.03
N ALA C 92 -16.04 4.30 20.02
CA ALA C 92 -14.93 5.23 19.78
C ALA C 92 -14.09 5.47 21.02
N VAL C 93 -12.87 5.96 20.81
CA VAL C 93 -12.08 6.53 21.89
C VAL C 93 -12.57 7.97 22.09
N TYR C 94 -12.88 8.31 23.35
CA TYR C 94 -13.30 9.66 23.71
C TYR C 94 -12.20 10.36 24.52
N TYR C 95 -11.74 11.50 24.00
CA TYR C 95 -10.65 12.29 24.62
C TYR C 95 -11.16 13.58 25.25
N CYS C 96 -10.62 13.94 26.42
CA CYS C 96 -10.69 15.32 26.89
C CYS C 96 -9.35 16.00 26.61
N ALA C 97 -9.36 17.32 26.42
CA ALA C 97 -8.17 18.07 26.04
C ALA C 97 -8.29 19.54 26.43
N SER C 98 -7.15 20.19 26.63
CA SER C 98 -7.13 21.64 26.88
C SER C 98 -5.91 22.29 26.26
N ARG C 99 -6.14 23.44 25.62
CA ARG C 99 -5.10 24.17 24.90
C ARG C 99 -5.27 25.66 25.18
N ASP C 100 -4.23 26.27 25.74
CA ASP C 100 -4.27 27.70 26.12
C ASP C 100 -2.88 28.20 26.50
N TYR C 101 -2.76 29.52 26.71
CA TYR C 101 -1.60 30.09 27.38
C TYR C 101 -1.78 29.97 28.89
N ASP C 102 -0.72 29.61 29.60
CA ASP C 102 -0.73 29.61 31.06
C ASP C 102 -0.45 31.04 31.58
N TYR C 103 -0.46 31.20 32.91
CA TYR C 103 -0.25 32.50 33.55
C TYR C 103 1.10 33.13 33.21
N ASP C 104 2.08 32.28 32.89
CA ASP C 104 3.45 32.72 32.52
C ASP C 104 3.63 32.99 31.01
N GLY C 105 2.55 32.87 30.24
CA GLY C 105 2.58 33.13 28.79
C GLY C 105 3.12 31.99 27.93
N ARG C 106 3.27 30.80 28.52
CA ARG C 106 3.67 29.60 27.78
C ARG C 106 2.42 28.87 27.26
N TYR C 107 2.46 28.52 25.97
CA TYR C 107 1.34 27.84 25.30
C TYR C 107 1.38 26.35 25.61
N PHE C 108 0.26 25.80 26.06
CA PHE C 108 0.19 24.37 26.40
C PHE C 108 -0.90 23.66 25.58
N ASP C 109 -0.82 22.33 25.55
CA ASP C 109 -1.79 21.48 24.88
C ASP C 109 -1.70 20.13 25.59
N TYR C 110 -2.77 19.77 26.30
CA TYR C 110 -2.83 18.52 27.08
C TYR C 110 -4.01 17.68 26.61
N TRP C 111 -3.79 16.37 26.56
CA TRP C 111 -4.84 15.41 26.20
C TRP C 111 -4.89 14.33 27.26
N GLY C 112 -6.09 13.89 27.62
CA GLY C 112 -6.25 12.67 28.40
C GLY C 112 -5.82 11.46 27.60
N GLN C 113 -5.74 10.30 28.27
CA GLN C 113 -5.34 9.04 27.63
C GLN C 113 -6.45 8.43 26.75
N GLY C 114 -7.65 8.97 26.86
CA GLY C 114 -8.80 8.49 26.10
C GLY C 114 -9.57 7.41 26.82
N THR C 115 -10.87 7.32 26.53
CA THR C 115 -11.76 6.28 27.07
C THR C 115 -12.40 5.59 25.88
N LEU C 116 -12.09 4.30 25.71
CA LEU C 116 -12.76 3.50 24.68
C LEU C 116 -14.13 3.02 25.15
N VAL C 117 -15.17 3.56 24.53
CA VAL C 117 -16.55 3.12 24.75
C VAL C 117 -16.89 2.16 23.61
N THR C 118 -17.22 0.91 23.98
CA THR C 118 -17.66 -0.09 23.02
C THR C 118 -19.16 -0.27 23.18
N VAL C 119 -19.89 -0.12 22.07
CA VAL C 119 -21.33 -0.36 22.06
C VAL C 119 -21.57 -1.76 21.47
N SER C 120 -22.07 -2.66 22.33
CA SER C 120 -22.28 -4.08 22.00
C SER C 120 -23.19 -4.75 23.04
N SER C 121 -23.82 -5.85 22.64
CA SER C 121 -24.67 -6.64 23.54
C SER C 121 -23.87 -7.74 24.28
N ALA C 122 -22.66 -8.02 23.80
CA ALA C 122 -21.72 -8.95 24.46
C ALA C 122 -21.28 -8.42 25.83
N SER C 123 -20.96 -9.36 26.73
CA SER C 123 -20.65 -9.06 28.12
C SER C 123 -19.16 -8.98 28.41
N THR C 124 -18.79 -8.19 29.43
CA THR C 124 -17.43 -8.11 29.93
C THR C 124 -16.92 -9.50 30.33
N LYS C 125 -15.77 -9.88 29.78
CA LYS C 125 -15.10 -11.12 30.14
C LYS C 125 -13.60 -10.87 30.23
N GLY C 126 -12.99 -11.33 31.32
CA GLY C 126 -11.53 -11.29 31.48
C GLY C 126 -10.84 -12.33 30.61
N PRO C 127 -9.54 -12.13 30.32
CA PRO C 127 -8.76 -12.97 29.41
C PRO C 127 -8.12 -14.22 30.00
N SER C 128 -7.91 -15.22 29.15
CA SER C 128 -7.06 -16.37 29.45
C SER C 128 -5.72 -16.10 28.79
N VAL C 129 -4.64 -16.41 29.51
CA VAL C 129 -3.29 -16.14 29.01
C VAL C 129 -2.51 -17.46 28.91
N PHE C 130 -2.01 -17.74 27.71
CA PHE C 130 -1.24 -18.96 27.44
C PHE C 130 0.14 -18.60 26.94
N PRO C 131 1.16 -19.42 27.29
CA PRO C 131 2.52 -19.15 26.84
C PRO C 131 2.74 -19.42 25.35
N LEU C 132 3.60 -18.63 24.73
CA LEU C 132 4.18 -18.96 23.43
C LEU C 132 5.63 -19.26 23.74
N ALA C 133 5.89 -20.55 23.98
CA ALA C 133 7.17 -21.01 24.51
C ALA C 133 8.27 -20.96 23.45
N PRO C 134 9.50 -20.54 23.85
CA PRO C 134 10.66 -20.62 22.94
C PRO C 134 11.12 -22.07 22.76
N SER C 135 11.78 -22.35 21.63
CA SER C 135 12.28 -23.69 21.33
C SER C 135 13.58 -23.66 20.52
N SER C 136 14.00 -24.84 20.04
CA SER C 136 15.09 -24.96 19.08
C SER C 136 14.64 -24.48 17.69
N LYS C 137 13.37 -24.74 17.38
CA LYS C 137 12.72 -24.26 16.14
C LYS C 137 12.33 -22.77 16.21
N SER C 138 12.37 -22.19 17.42
CA SER C 138 12.14 -20.76 17.63
C SER C 138 13.42 -19.96 17.90
N THR C 139 14.57 -20.55 17.54
CA THR C 139 15.88 -19.88 17.62
C THR C 139 16.45 -19.68 16.20
N SER C 140 16.40 -18.44 15.73
CA SER C 140 16.83 -18.08 14.38
C SER C 140 18.35 -18.10 14.20
N GLY C 141 19.08 -17.67 15.22
CA GLY C 141 20.54 -17.65 15.20
C GLY C 141 21.11 -16.77 16.30
N GLY C 142 21.31 -17.36 17.49
CA GLY C 142 21.81 -16.65 18.66
C GLY C 142 20.72 -15.93 19.45
N THR C 143 19.59 -15.67 18.81
CA THR C 143 18.43 -15.03 19.44
C THR C 143 17.16 -15.87 19.26
N ALA C 144 16.38 -15.99 20.33
CA ALA C 144 15.12 -16.74 20.34
C ALA C 144 13.88 -15.84 20.48
N ALA C 145 12.75 -16.32 20.00
CA ALA C 145 11.45 -15.64 20.16
C ALA C 145 10.55 -16.34 21.18
N LEU C 146 9.88 -15.54 22.01
CA LEU C 146 8.89 -16.04 22.97
C LEU C 146 7.75 -15.04 23.15
N GLY C 147 6.62 -15.49 23.70
CA GLY C 147 5.51 -14.60 23.96
C GLY C 147 4.35 -15.12 24.77
N CYS C 148 3.27 -14.34 24.78
CA CYS C 148 2.02 -14.71 25.40
C CYS C 148 0.86 -14.52 24.44
N LEU C 149 -0.06 -15.48 24.48
CA LEU C 149 -1.32 -15.37 23.77
C LEU C 149 -2.39 -14.99 24.77
N VAL C 150 -3.11 -13.93 24.44
CA VAL C 150 -4.13 -13.37 25.33
C VAL C 150 -5.49 -13.57 24.66
N LYS C 151 -6.26 -14.53 25.17
CA LYS C 151 -7.47 -15.02 24.50
C LYS C 151 -8.78 -14.77 25.22
N ASP C 152 -9.82 -14.58 24.42
CA ASP C 152 -11.23 -14.64 24.85
C ASP C 152 -11.63 -13.59 25.88
N TYR C 153 -11.30 -12.33 25.57
CA TYR C 153 -11.73 -11.21 26.41
C TYR C 153 -12.67 -10.27 25.66
N PHE C 154 -13.41 -9.47 26.44
CA PHE C 154 -14.30 -8.43 25.94
C PHE C 154 -14.52 -7.41 27.06
N PRO C 155 -14.55 -6.11 26.76
CA PRO C 155 -14.17 -5.54 25.45
C PRO C 155 -12.68 -5.22 25.39
N GLU C 156 -12.25 -4.54 24.32
CA GLU C 156 -10.93 -3.91 24.26
C GLU C 156 -10.85 -2.78 25.29
N PRO C 157 -9.66 -2.41 25.79
CA PRO C 157 -8.38 -2.97 25.38
C PRO C 157 -7.72 -3.86 26.42
N VAL C 158 -6.67 -4.54 25.98
CA VAL C 158 -5.71 -5.20 26.84
C VAL C 158 -4.37 -4.50 26.59
N THR C 159 -3.66 -4.16 27.67
CA THR C 159 -2.27 -3.72 27.57
C THR C 159 -1.36 -4.84 28.05
N VAL C 160 -0.19 -4.94 27.44
CA VAL C 160 0.81 -5.94 27.80
C VAL C 160 2.14 -5.24 28.08
N SER C 161 2.80 -5.62 29.17
CA SER C 161 4.20 -5.27 29.39
C SER C 161 5.02 -6.54 29.63
N TRP C 162 6.33 -6.41 29.64
CA TRP C 162 7.23 -7.53 29.89
C TRP C 162 8.16 -7.21 31.06
N ASN C 163 8.27 -8.18 31.99
CA ASN C 163 9.06 -8.04 33.23
C ASN C 163 8.80 -6.72 33.95
N SER C 164 7.51 -6.42 34.13
CA SER C 164 7.01 -5.22 34.81
C SER C 164 7.56 -3.91 34.22
N GLY C 165 7.84 -3.93 32.91
CA GLY C 165 8.33 -2.76 32.18
C GLY C 165 9.83 -2.68 32.00
N ALA C 166 10.55 -3.67 32.52
CA ALA C 166 12.02 -3.74 32.41
C ALA C 166 12.48 -4.17 31.01
N LEU C 167 11.65 -4.95 30.32
CA LEU C 167 11.97 -5.43 28.97
C LEU C 167 11.09 -4.74 27.94
N THR C 168 11.73 -3.92 27.10
CA THR C 168 11.06 -3.12 26.05
C THR C 168 11.57 -3.40 24.62
N SER C 169 12.87 -3.66 24.47
CA SER C 169 13.49 -3.93 23.16
C SER C 169 13.02 -5.26 22.57
N GLY C 170 12.66 -5.22 21.30
CA GLY C 170 12.20 -6.40 20.58
C GLY C 170 10.79 -6.83 20.90
N VAL C 171 10.06 -6.02 21.66
CA VAL C 171 8.66 -6.32 22.00
C VAL C 171 7.74 -5.90 20.87
N HIS C 172 6.88 -6.83 20.43
CA HIS C 172 5.77 -6.51 19.53
C HIS C 172 4.47 -7.02 20.12
N THR C 173 3.58 -6.08 20.43
CA THR C 173 2.24 -6.40 20.87
C THR C 173 1.30 -6.07 19.72
N PHE C 174 0.65 -7.10 19.21
CA PHE C 174 -0.14 -7.01 17.98
C PHE C 174 -1.53 -6.48 18.24
N PRO C 175 -2.16 -5.85 17.21
CA PRO C 175 -3.57 -5.48 17.37
C PRO C 175 -4.43 -6.72 17.61
N ALA C 176 -5.44 -6.56 18.46
CA ALA C 176 -6.39 -7.63 18.75
C ALA C 176 -7.27 -7.90 17.54
N VAL C 177 -7.65 -9.16 17.36
CA VAL C 177 -8.67 -9.54 16.37
C VAL C 177 -9.94 -10.00 17.06
N LEU C 178 -11.08 -9.63 16.48
CA LEU C 178 -12.37 -10.15 16.92
C LEU C 178 -12.59 -11.49 16.25
N GLN C 179 -12.83 -12.51 17.06
CA GLN C 179 -13.00 -13.89 16.60
C GLN C 179 -14.46 -14.18 16.33
N SER C 180 -14.73 -15.26 15.60
CA SER C 180 -16.09 -15.76 15.29
C SER C 180 -17.00 -15.85 16.52
N SER C 181 -16.39 -16.06 17.68
CA SER C 181 -17.08 -16.16 18.97
C SER C 181 -17.58 -14.83 19.54
N GLY C 182 -17.09 -13.71 18.99
CA GLY C 182 -17.44 -12.38 19.48
C GLY C 182 -16.54 -11.91 20.62
N LEU C 183 -15.39 -12.57 20.75
CA LEU C 183 -14.39 -12.24 21.76
C LEU C 183 -13.06 -11.95 21.09
N TYR C 184 -12.27 -11.08 21.70
CA TYR C 184 -10.97 -10.67 21.17
C TYR C 184 -9.83 -11.60 21.57
N SER C 185 -8.78 -11.58 20.77
CA SER C 185 -7.56 -12.33 20.99
C SER C 185 -6.38 -11.54 20.43
N LEU C 186 -5.31 -11.44 21.23
CA LEU C 186 -4.05 -10.88 20.76
C LEU C 186 -2.85 -11.68 21.24
N SER C 187 -1.71 -11.41 20.62
CA SER C 187 -0.46 -11.93 21.09
C SER C 187 0.56 -10.81 21.28
N SER C 188 1.41 -10.98 22.28
CA SER C 188 2.56 -10.12 22.49
C SER C 188 3.79 -11.02 22.46
N VAL C 189 4.80 -10.61 21.71
CA VAL C 189 6.03 -11.39 21.53
C VAL C 189 7.24 -10.54 21.85
N VAL C 190 8.37 -11.21 22.04
CA VAL C 190 9.66 -10.56 22.24
C VAL C 190 10.76 -11.47 21.71
N THR C 191 11.82 -10.87 21.15
CA THR C 191 13.01 -11.61 20.78
C THR C 191 14.11 -11.28 21.75
N VAL C 192 14.79 -12.33 22.20
CA VAL C 192 15.81 -12.25 23.26
C VAL C 192 17.01 -13.13 22.86
N PRO C 193 18.20 -12.90 23.46
CA PRO C 193 19.30 -13.84 23.23
C PRO C 193 18.97 -15.23 23.79
N SER C 194 19.20 -16.27 22.98
CA SER C 194 18.88 -17.65 23.34
C SER C 194 19.79 -18.21 24.45
N SER C 195 20.94 -17.56 24.64
CA SER C 195 21.87 -17.85 25.74
C SER C 195 21.30 -17.49 27.12
N SER C 196 20.36 -16.56 27.16
CA SER C 196 19.74 -16.10 28.41
C SER C 196 18.47 -16.85 28.79
N LEU C 197 18.09 -17.86 27.99
CA LEU C 197 16.85 -18.62 28.21
C LEU C 197 16.78 -19.41 29.52
N GLY C 198 17.94 -19.71 30.10
CA GLY C 198 18.04 -20.29 31.44
C GLY C 198 18.27 -19.25 32.52
N THR C 199 19.24 -18.37 32.28
CA THR C 199 19.65 -17.33 33.24
C THR C 199 18.59 -16.25 33.53
N GLN C 200 17.72 -15.97 32.57
CA GLN C 200 16.73 -14.88 32.67
C GLN C 200 15.27 -15.37 32.72
N THR C 201 14.51 -14.79 33.65
CA THR C 201 13.09 -15.04 33.79
C THR C 201 12.29 -14.06 32.91
N TYR C 202 11.30 -14.59 32.18
CA TYR C 202 10.43 -13.80 31.32
C TYR C 202 8.97 -13.93 31.72
N ILE C 203 8.37 -12.79 32.06
CA ILE C 203 6.97 -12.73 32.47
C ILE C 203 6.27 -11.63 31.67
N CYS C 204 5.15 -11.97 31.06
CA CYS C 204 4.26 -10.99 30.46
C CYS C 204 3.22 -10.54 31.46
N ASN C 205 3.03 -9.23 31.52
CA ASN C 205 2.03 -8.62 32.41
C ASN C 205 0.88 -8.11 31.57
N VAL C 206 -0.24 -8.80 31.69
CA VAL C 206 -1.44 -8.54 30.89
C VAL C 206 -2.47 -7.83 31.76
N ASN C 207 -2.87 -6.64 31.33
CA ASN C 207 -3.84 -5.84 32.07
C ASN C 207 -5.15 -5.70 31.31
N HIS C 208 -6.26 -6.05 31.96
CA HIS C 208 -7.58 -5.87 31.38
C HIS C 208 -8.50 -5.14 32.35
N LYS C 209 -8.38 -3.81 32.34
CA LYS C 209 -9.14 -2.93 33.26
C LYS C 209 -10.67 -3.07 33.24
N PRO C 210 -11.30 -3.38 32.06
CA PRO C 210 -12.77 -3.47 32.06
C PRO C 210 -13.34 -4.59 32.94
N SER C 211 -12.59 -5.69 33.08
CA SER C 211 -12.96 -6.81 33.96
C SER C 211 -12.24 -6.79 35.31
N ASN C 212 -11.43 -5.76 35.57
CA ASN C 212 -10.62 -5.63 36.80
C ASN C 212 -9.62 -6.78 37.00
N THR C 213 -9.04 -7.24 35.88
CA THR C 213 -8.16 -8.40 35.88
C THR C 213 -6.76 -8.02 35.41
N LYS C 214 -5.77 -8.46 36.18
CA LYS C 214 -4.37 -8.41 35.78
C LYS C 214 -3.78 -9.81 35.91
N VAL C 215 -3.19 -10.30 34.82
CA VAL C 215 -2.61 -11.65 34.77
C VAL C 215 -1.14 -11.55 34.42
N ASP C 216 -0.28 -12.10 35.27
CA ASP C 216 1.13 -12.31 34.94
C ASP C 216 1.38 -13.78 34.62
N LYS C 217 2.12 -14.00 33.54
CA LYS C 217 2.40 -15.36 33.06
C LYS C 217 3.88 -15.51 32.79
N LYS C 218 4.51 -16.46 33.50
CA LYS C 218 5.91 -16.80 33.29
C LYS C 218 6.02 -17.71 32.07
N VAL C 219 6.91 -17.33 31.14
CA VAL C 219 7.10 -18.06 29.90
C VAL C 219 8.49 -18.69 29.90
N GLU C 220 8.51 -20.02 29.78
CA GLU C 220 9.76 -20.79 29.82
C GLU C 220 9.74 -21.92 28.78
N PRO C 221 10.93 -22.45 28.39
CA PRO C 221 10.97 -23.59 27.45
C PRO C 221 10.25 -24.82 28.02
N LYS C 222 9.44 -25.47 27.19
CA LYS C 222 8.68 -26.66 27.60
C LYS C 222 9.66 -27.78 28.04
N SER C 223 9.31 -28.44 29.15
CA SER C 223 10.22 -29.38 29.84
C SER C 223 10.46 -30.70 29.10
N CYS C 224 9.47 -31.13 28.31
CA CYS C 224 9.47 -32.38 27.52
C CYS C 224 9.97 -33.63 28.25
N ASP D 1 -20.34 27.90 7.85
CA ASP D 1 -19.40 26.81 8.27
C ASP D 1 -18.28 26.60 7.25
N ILE D 2 -17.13 26.15 7.76
CA ILE D 2 -15.93 25.96 6.95
C ILE D 2 -15.71 24.46 6.70
N GLN D 3 -15.53 24.12 5.42
CA GLN D 3 -15.15 22.77 5.00
C GLN D 3 -13.65 22.75 4.77
N MET D 4 -13.03 21.64 5.10
CA MET D 4 -11.59 21.50 4.88
C MET D 4 -11.24 20.25 4.12
N THR D 5 -10.18 20.34 3.31
CA THR D 5 -9.64 19.22 2.56
C THR D 5 -8.18 19.07 2.88
N GLN D 6 -7.84 17.98 3.58
CA GLN D 6 -6.45 17.65 3.86
C GLN D 6 -5.94 16.68 2.80
N SER D 7 -4.70 16.90 2.38
CA SER D 7 -4.09 16.13 1.30
C SER D 7 -2.58 16.01 1.52
N PRO D 8 -1.97 14.87 1.17
CA PRO D 8 -2.64 13.68 0.65
C PRO D 8 -3.24 12.83 1.79
N SER D 9 -3.87 11.70 1.46
CA SER D 9 -4.42 10.81 2.47
C SER D 9 -3.35 9.93 3.10
N SER D 10 -2.39 9.48 2.28
CA SER D 10 -1.20 8.82 2.81
C SER D 10 0.00 9.06 1.92
N LEU D 11 1.18 8.91 2.49
CA LEU D 11 2.42 9.04 1.74
C LEU D 11 3.51 8.18 2.35
N SER D 12 4.46 7.80 1.50
CA SER D 12 5.66 7.13 1.92
C SER D 12 6.86 7.95 1.43
N ALA D 13 7.86 8.10 2.29
CA ALA D 13 9.05 8.88 1.96
C ALA D 13 10.25 8.32 2.70
N SER D 14 11.45 8.62 2.21
CA SER D 14 12.67 8.09 2.81
C SER D 14 13.16 8.96 3.95
N VAL D 15 13.96 8.37 4.84
CA VAL D 15 14.64 9.11 5.91
C VAL D 15 15.44 10.24 5.25
N GLY D 16 15.23 11.47 5.73
CA GLY D 16 15.93 12.64 5.19
C GLY D 16 15.17 13.40 4.11
N ASP D 17 14.06 12.82 3.63
CA ASP D 17 13.20 13.45 2.63
C ASP D 17 12.32 14.53 3.24
N ARG D 18 11.92 15.48 2.41
CA ARG D 18 10.97 16.53 2.77
C ARG D 18 9.54 16.00 2.63
N VAL D 19 8.73 16.18 3.67
CA VAL D 19 7.31 15.80 3.63
C VAL D 19 6.47 17.07 3.61
N THR D 20 5.53 17.12 2.66
CA THR D 20 4.68 18.28 2.45
C THR D 20 3.21 17.89 2.53
N ILE D 21 2.50 18.51 3.46
CA ILE D 21 1.08 18.18 3.68
C ILE D 21 0.30 19.49 3.63
N THR D 22 -0.85 19.47 2.98
CA THR D 22 -1.66 20.69 2.83
C THR D 22 -3.06 20.56 3.42
N CYS D 23 -3.62 21.70 3.86
CA CYS D 23 -5.05 21.81 4.17
C CYS D 23 -5.63 23.02 3.45
N SER D 24 -6.69 22.80 2.69
CA SER D 24 -7.38 23.85 1.95
C SER D 24 -8.76 24.02 2.56
N ALA D 25 -9.13 25.28 2.78
CA ALA D 25 -10.39 25.62 3.43
C ALA D 25 -11.35 26.29 2.44
N SER D 26 -12.65 26.05 2.64
CA SER D 26 -13.72 26.64 1.80
C SER D 26 -13.78 28.17 1.90
N SER D 27 -13.46 28.72 3.07
CA SER D 27 -13.32 30.16 3.28
C SER D 27 -12.27 30.44 4.35
N SER D 28 -11.90 31.71 4.50
CA SER D 28 -10.78 32.15 5.33
C SER D 28 -10.88 31.65 6.78
N VAL D 29 -9.73 31.25 7.31
CA VAL D 29 -9.61 30.58 8.60
C VAL D 29 -8.92 31.51 9.60
N THR D 30 -9.43 31.59 10.84
CA THR D 30 -8.84 32.48 11.86
C THR D 30 -7.50 31.93 12.38
N TYR D 31 -7.50 30.70 12.89
CA TYR D 31 -6.26 30.06 13.33
C TYR D 31 -6.13 28.65 12.77
N MET D 32 -4.89 28.26 12.50
CA MET D 32 -4.56 26.92 11.99
C MET D 32 -3.59 26.24 12.94
N TYR D 33 -3.82 24.94 13.17
CA TYR D 33 -3.02 24.11 14.07
C TYR D 33 -2.66 22.81 13.35
N TRP D 34 -1.54 22.21 13.74
CA TRP D 34 -1.13 20.90 13.23
C TRP D 34 -0.81 19.93 14.36
N TYR D 35 -1.46 18.77 14.34
CA TYR D 35 -1.24 17.72 15.33
C TYR D 35 -0.56 16.50 14.74
N GLN D 36 0.20 15.81 15.59
CA GLN D 36 0.83 14.54 15.24
C GLN D 36 0.22 13.46 16.15
N GLN D 37 -0.28 12.39 15.53
CA GLN D 37 -0.74 11.24 16.30
C GLN D 37 0.02 9.97 15.91
N LYS D 38 0.90 9.55 16.82
CA LYS D 38 1.67 8.32 16.68
C LYS D 38 0.80 7.13 17.07
N PRO D 39 1.12 5.92 16.55
CA PRO D 39 0.24 4.75 16.77
C PRO D 39 0.00 4.45 18.25
N GLY D 40 -1.28 4.31 18.62
CA GLY D 40 -1.68 4.01 19.99
C GLY D 40 -1.62 5.16 20.98
N LYS D 41 -1.23 6.35 20.51
CA LYS D 41 -1.04 7.52 21.38
C LYS D 41 -2.10 8.58 21.15
N ALA D 42 -2.21 9.51 22.10
CA ALA D 42 -3.03 10.69 21.97
C ALA D 42 -2.37 11.66 20.97
N PRO D 43 -3.16 12.52 20.29
CA PRO D 43 -2.58 13.58 19.45
C PRO D 43 -1.65 14.49 20.24
N LYS D 44 -0.62 15.00 19.55
CA LYS D 44 0.35 15.92 20.15
C LYS D 44 0.47 17.14 19.26
N LEU D 45 0.36 18.32 19.84
CA LEU D 45 0.43 19.58 19.10
C LEU D 45 1.86 19.86 18.63
N LEU D 46 2.03 20.18 17.35
CA LEU D 46 3.34 20.58 16.82
C LEU D 46 3.39 22.04 16.40
N ILE D 47 2.32 22.52 15.77
CA ILE D 47 2.28 23.87 15.23
C ILE D 47 0.97 24.52 15.66
N TYR D 48 1.06 25.76 16.15
CA TYR D 48 -0.12 26.56 16.47
C TYR D 48 -0.06 27.92 15.78
N ASP D 49 -1.24 28.48 15.49
CA ASP D 49 -1.38 29.77 14.80
C ASP D 49 -0.50 29.83 13.55
N THR D 50 -0.77 28.89 12.63
CA THR D 50 -0.08 28.76 11.34
C THR D 50 1.38 28.30 11.40
N SER D 51 2.21 28.95 12.21
CA SER D 51 3.67 28.81 12.08
C SER D 51 4.47 28.67 13.36
N ASN D 52 3.82 28.77 14.51
CA ASN D 52 4.53 28.71 15.78
C ASN D 52 4.78 27.28 16.23
N LEU D 53 6.04 26.95 16.52
CA LEU D 53 6.42 25.66 17.06
C LEU D 53 5.96 25.54 18.51
N ALA D 54 5.28 24.43 18.82
CA ALA D 54 4.90 24.10 20.20
C ALA D 54 6.14 23.76 21.03
N SER D 55 5.98 23.84 22.36
CA SER D 55 7.07 23.64 23.33
C SER D 55 7.90 22.38 23.03
N GLY D 56 9.18 22.59 22.75
CA GLY D 56 10.16 21.51 22.56
C GLY D 56 10.06 20.69 21.27
N VAL D 57 9.21 21.13 20.33
CA VAL D 57 9.05 20.46 19.04
C VAL D 57 10.29 20.75 18.18
N PRO D 58 10.93 19.69 17.64
CA PRO D 58 12.13 19.82 16.78
C PRO D 58 11.99 20.81 15.63
N SER D 59 13.13 21.41 15.27
CA SER D 59 13.26 22.45 14.24
C SER D 59 12.82 22.02 12.82
N ARG D 60 12.84 20.71 12.57
CA ARG D 60 12.49 20.15 11.26
C ARG D 60 11.00 20.30 10.89
N PHE D 61 10.14 20.51 11.88
CA PHE D 61 8.70 20.74 11.63
C PHE D 61 8.41 22.22 11.45
N SER D 62 7.63 22.54 10.43
CA SER D 62 7.19 23.92 10.21
C SER D 62 5.79 23.96 9.62
N GLY D 63 5.22 25.17 9.62
CA GLY D 63 3.91 25.41 9.03
C GLY D 63 3.89 26.79 8.41
N SER D 64 3.10 26.95 7.35
CA SER D 64 2.94 28.24 6.67
C SER D 64 1.53 28.40 6.11
N GLY D 65 1.27 29.54 5.50
CA GLY D 65 0.00 29.80 4.81
C GLY D 65 -0.80 30.95 5.40
N SER D 66 -1.96 31.19 4.79
CA SER D 66 -2.87 32.29 5.13
C SER D 66 -4.18 32.11 4.37
N GLY D 67 -5.22 32.83 4.80
CA GLY D 67 -6.53 32.77 4.16
C GLY D 67 -7.07 31.35 4.13
N THR D 68 -6.95 30.69 2.97
CA THR D 68 -7.55 29.38 2.72
C THR D 68 -6.56 28.22 2.47
N ASP D 69 -5.29 28.52 2.22
CA ASP D 69 -4.28 27.50 1.89
C ASP D 69 -3.19 27.41 2.95
N TYR D 70 -2.99 26.20 3.49
CA TYR D 70 -2.02 25.96 4.56
C TYR D 70 -1.14 24.76 4.26
N THR D 71 0.07 24.79 4.78
CA THR D 71 1.07 23.78 4.48
C THR D 71 1.85 23.42 5.74
N PHE D 72 1.97 22.12 5.98
CA PHE D 72 2.80 21.55 7.03
C PHE D 72 3.97 20.81 6.39
N THR D 73 5.16 21.08 6.91
CA THR D 73 6.37 20.52 6.34
C THR D 73 7.22 19.87 7.41
N ILE D 74 7.72 18.68 7.09
CA ILE D 74 8.82 18.06 7.82
C ILE D 74 10.01 18.11 6.86
N SER D 75 11.01 18.92 7.19
CA SER D 75 12.13 19.17 6.28
C SER D 75 13.03 17.96 6.04
N SER D 76 13.18 17.12 7.07
CA SER D 76 14.03 15.93 7.01
C SER D 76 13.41 14.80 7.83
N LEU D 77 12.62 13.95 7.15
CA LEU D 77 11.85 12.90 7.81
C LEU D 77 12.73 11.90 8.57
N GLN D 78 12.37 11.67 9.83
CA GLN D 78 13.10 10.74 10.71
C GLN D 78 12.26 9.49 11.02
N PRO D 79 12.91 8.35 11.35
CA PRO D 79 12.16 7.11 11.64
C PRO D 79 11.05 7.26 12.68
N GLU D 80 11.31 8.05 13.73
CA GLU D 80 10.33 8.29 14.80
C GLU D 80 9.14 9.17 14.39
N ASP D 81 9.16 9.71 13.17
CA ASP D 81 8.12 10.62 12.69
C ASP D 81 6.92 9.92 12.04
N ILE D 82 6.96 8.59 11.92
CA ILE D 82 5.78 7.86 11.43
C ILE D 82 4.59 8.12 12.34
N ALA D 83 3.47 8.49 11.73
CA ALA D 83 2.31 9.00 12.44
C ALA D 83 1.24 9.36 11.45
N THR D 84 0.06 9.68 11.97
CA THR D 84 -0.97 10.35 11.22
C THR D 84 -1.00 11.81 11.68
N TYR D 85 -0.93 12.74 10.72
CA TYR D 85 -0.89 14.17 11.02
C TYR D 85 -2.22 14.79 10.63
N TYR D 86 -2.70 15.70 11.46
CA TYR D 86 -3.99 16.35 11.24
C TYR D 86 -3.85 17.86 11.34
N CYS D 87 -4.45 18.57 10.40
CA CYS D 87 -4.66 19.98 10.63
C CYS D 87 -5.94 20.17 11.42
N GLN D 88 -6.02 21.32 12.08
CA GLN D 88 -7.22 21.74 12.79
C GLN D 88 -7.36 23.25 12.66
N GLN D 89 -8.56 23.69 12.29
CA GLN D 89 -8.83 25.11 12.18
C GLN D 89 -9.84 25.53 13.24
N TRP D 90 -9.69 26.77 13.71
CA TRP D 90 -10.70 27.42 14.54
C TRP D 90 -11.13 28.71 13.85
N SER D 91 -12.43 28.90 13.69
CA SER D 91 -13.00 30.17 13.28
C SER D 91 -14.39 30.29 13.88
N SER D 92 -14.73 31.50 14.35
CA SER D 92 -16.09 31.81 14.87
C SER D 92 -16.64 30.74 15.83
N HIS D 93 -15.81 30.36 16.81
CA HIS D 93 -16.16 29.42 17.88
C HIS D 93 -16.49 27.98 17.46
N ILE D 94 -16.00 27.58 16.28
CA ILE D 94 -16.09 26.19 15.80
C ILE D 94 -14.68 25.67 15.52
N PHE D 95 -14.39 24.49 16.08
CA PHE D 95 -13.12 23.77 15.86
C PHE D 95 -13.40 22.63 14.86
N THR D 96 -12.59 22.53 13.81
CA THR D 96 -12.73 21.49 12.78
C THR D 96 -11.37 20.84 12.49
N PHE D 97 -11.36 19.52 12.33
CA PHE D 97 -10.14 18.77 11.97
C PHE D 97 -10.11 18.46 10.47
N GLY D 98 -8.91 18.45 9.89
CA GLY D 98 -8.70 17.80 8.59
C GLY D 98 -8.87 16.29 8.68
N GLN D 99 -8.90 15.63 7.52
CA GLN D 99 -9.17 14.19 7.45
C GLN D 99 -7.96 13.35 7.86
N GLY D 100 -6.78 13.96 7.86
CA GLY D 100 -5.56 13.26 8.30
C GLY D 100 -4.71 12.77 7.15
N THR D 101 -3.39 12.71 7.39
CA THR D 101 -2.43 12.17 6.43
C THR D 101 -1.56 11.16 7.16
N LYS D 102 -1.56 9.92 6.67
CA LYS D 102 -0.70 8.87 7.22
C LYS D 102 0.68 8.92 6.58
N VAL D 103 1.71 9.02 7.41
CA VAL D 103 3.09 9.14 6.93
C VAL D 103 3.87 7.89 7.31
N GLU D 104 4.37 7.21 6.28
CA GLU D 104 5.20 6.02 6.47
C GLU D 104 6.60 6.18 5.88
N ILE D 105 7.56 5.41 6.38
CA ILE D 105 8.94 5.45 5.91
C ILE D 105 9.14 4.43 4.77
N LYS D 106 9.79 4.88 3.69
CA LYS D 106 10.33 3.97 2.69
C LYS D 106 11.76 3.60 3.06
N ARG D 107 12.01 2.31 3.22
CA ARG D 107 13.35 1.80 3.59
C ARG D 107 13.72 0.61 2.70
N THR D 108 14.96 0.11 2.84
CA THR D 108 15.43 -1.08 2.12
C THR D 108 14.62 -2.33 2.49
N VAL D 109 14.48 -3.24 1.53
CA VAL D 109 13.83 -4.55 1.72
C VAL D 109 14.48 -5.30 2.89
N ALA D 110 13.64 -5.97 3.69
CA ALA D 110 14.11 -6.80 4.79
C ALA D 110 13.23 -8.05 4.90
N ALA D 111 13.88 -9.22 4.87
CA ALA D 111 13.21 -10.51 4.98
C ALA D 111 12.73 -10.72 6.41
N PRO D 112 11.50 -11.26 6.58
CA PRO D 112 11.02 -11.61 7.91
C PRO D 112 11.78 -12.80 8.50
N SER D 113 12.05 -12.71 9.79
CA SER D 113 12.44 -13.87 10.60
C SER D 113 11.14 -14.57 10.99
N VAL D 114 11.11 -15.90 10.80
CA VAL D 114 9.88 -16.68 10.99
C VAL D 114 10.01 -17.66 12.16
N PHE D 115 8.98 -17.69 12.99
CA PHE D 115 8.91 -18.56 14.17
C PHE D 115 7.51 -19.17 14.26
N ILE D 116 7.45 -20.46 14.59
CA ILE D 116 6.19 -21.16 14.84
C ILE D 116 6.05 -21.54 16.32
N PHE D 117 4.82 -21.42 16.84
CA PHE D 117 4.52 -21.67 18.24
C PHE D 117 3.39 -22.70 18.39
N PRO D 118 3.71 -23.88 18.97
CA PRO D 118 2.66 -24.87 19.24
C PRO D 118 1.64 -24.37 20.29
N PRO D 119 0.42 -24.94 20.29
CA PRO D 119 -0.46 -24.59 21.40
C PRO D 119 0.07 -25.17 22.72
N SER D 120 -0.30 -24.56 23.84
CA SER D 120 0.07 -25.07 25.16
C SER D 120 -0.86 -26.20 25.58
N ASP D 121 -0.36 -27.07 26.47
CA ASP D 121 -1.16 -28.13 27.05
C ASP D 121 -2.34 -27.58 27.84
N GLU D 122 -2.12 -26.44 28.53
CA GLU D 122 -3.18 -25.80 29.31
CA GLU D 122 -3.17 -25.76 29.31
C GLU D 122 -4.39 -25.44 28.44
N GLN D 123 -4.13 -24.84 27.27
CA GLN D 123 -5.22 -24.42 26.37
C GLN D 123 -5.99 -25.62 25.83
N LEU D 124 -5.24 -26.64 25.38
CA LEU D 124 -5.80 -27.91 24.91
C LEU D 124 -6.86 -28.51 25.82
N LYS D 125 -6.59 -28.48 27.13
CA LYS D 125 -7.47 -29.02 28.17
C LYS D 125 -8.88 -28.45 28.12
N SER D 126 -8.99 -27.16 27.80
CA SER D 126 -10.30 -26.50 27.71
C SER D 126 -10.96 -26.67 26.32
N GLY D 127 -10.29 -27.39 25.42
CA GLY D 127 -10.93 -27.89 24.19
C GLY D 127 -10.73 -27.14 22.88
N THR D 128 -9.71 -26.28 22.84
CA THR D 128 -9.37 -25.47 21.66
C THR D 128 -7.85 -25.39 21.57
N ALA D 129 -7.31 -25.46 20.35
CA ALA D 129 -5.89 -25.24 20.09
C ALA D 129 -5.68 -23.99 19.21
N SER D 130 -4.79 -23.11 19.67
CA SER D 130 -4.32 -21.96 18.87
C SER D 130 -2.88 -22.20 18.48
N VAL D 131 -2.61 -22.19 17.18
CA VAL D 131 -1.25 -22.35 16.64
C VAL D 131 -0.84 -20.98 16.09
N VAL D 132 0.39 -20.57 16.38
CA VAL D 132 0.82 -19.18 16.13
C VAL D 132 2.08 -19.12 15.28
N CYS D 133 2.01 -18.34 14.20
CA CYS D 133 3.14 -18.10 13.32
C CYS D 133 3.52 -16.63 13.38
N LEU D 134 4.80 -16.36 13.61
CA LEU D 134 5.30 -15.00 13.77
C LEU D 134 6.29 -14.63 12.67
N LEU D 135 6.00 -13.50 12.02
CA LEU D 135 6.87 -12.91 10.99
C LEU D 135 7.40 -11.60 11.56
N ASN D 136 8.71 -11.54 11.76
CA ASN D 136 9.32 -10.51 12.57
C ASN D 136 10.26 -9.59 11.79
N ASN D 137 10.02 -8.29 11.94
CA ASN D 137 10.86 -7.21 11.39
C ASN D 137 11.05 -7.24 9.87
N PHE D 138 9.94 -7.20 9.13
CA PHE D 138 10.00 -7.17 7.66
C PHE D 138 9.61 -5.84 7.00
N TYR D 139 10.16 -5.61 5.80
CA TYR D 139 9.75 -4.51 4.91
C TYR D 139 9.91 -4.98 3.44
N PRO D 140 8.88 -4.80 2.58
CA PRO D 140 7.66 -4.02 2.86
C PRO D 140 6.52 -4.78 3.54
N ARG D 141 5.37 -4.14 3.68
CA ARG D 141 4.23 -4.66 4.44
C ARG D 141 3.60 -5.93 3.85
N GLU D 142 3.62 -6.05 2.53
CA GLU D 142 2.98 -7.16 1.81
C GLU D 142 3.66 -8.50 2.15
N ALA D 143 2.84 -9.44 2.63
CA ALA D 143 3.29 -10.78 3.00
C ALA D 143 2.12 -11.76 2.88
N LYS D 144 2.44 -13.01 2.56
CA LYS D 144 1.43 -14.07 2.49
C LYS D 144 1.79 -15.18 3.48
N VAL D 145 0.81 -15.57 4.30
CA VAL D 145 0.95 -16.68 5.25
C VAL D 145 -0.09 -17.76 4.93
N GLN D 146 0.40 -18.98 4.67
CA GLN D 146 -0.46 -20.14 4.43
C GLN D 146 -0.27 -21.23 5.49
N TRP D 147 -1.39 -21.76 6.00
CA TRP D 147 -1.37 -22.86 6.98
C TRP D 147 -1.58 -24.23 6.34
N LYS D 148 -0.66 -25.15 6.66
CA LYS D 148 -0.71 -26.54 6.19
C LYS D 148 -0.75 -27.51 7.36
N VAL D 149 -1.82 -28.30 7.41
CA VAL D 149 -2.01 -29.34 8.43
C VAL D 149 -1.93 -30.71 7.72
N ASP D 150 -0.80 -31.41 7.94
CA ASP D 150 -0.40 -32.60 7.16
C ASP D 150 -0.42 -32.32 5.65
N ASN D 151 0.22 -31.22 5.28
CA ASN D 151 0.27 -30.67 3.90
C ASN D 151 -1.07 -30.21 3.27
N ALA D 152 -2.18 -30.43 3.96
CA ALA D 152 -3.49 -29.95 3.53
C ALA D 152 -3.68 -28.47 3.90
N LEU D 153 -4.09 -27.67 2.92
CA LEU D 153 -4.26 -26.21 3.11
C LEU D 153 -5.53 -25.81 3.83
N GLN D 154 -5.37 -24.84 4.73
CA GLN D 154 -6.48 -24.31 5.53
C GLN D 154 -6.99 -23.00 4.94
N SER D 155 -8.29 -22.77 5.13
CA SER D 155 -8.96 -21.52 4.79
C SER D 155 -10.21 -21.34 5.66
N GLY D 156 -10.46 -20.10 6.08
CA GLY D 156 -11.54 -19.77 7.02
C GLY D 156 -11.20 -20.25 8.43
N ASN D 157 -9.93 -20.53 8.64
CA ASN D 157 -9.43 -21.24 9.81
C ASN D 157 -8.49 -20.37 10.64
N SER D 158 -7.99 -19.30 10.03
CA SER D 158 -7.00 -18.41 10.65
C SER D 158 -7.42 -16.93 10.64
N GLN D 159 -6.75 -16.15 11.47
CA GLN D 159 -6.85 -14.69 11.50
C GLN D 159 -5.46 -14.13 11.71
N GLU D 160 -5.21 -12.95 11.16
CA GLU D 160 -3.91 -12.30 11.30
C GLU D 160 -4.01 -10.81 11.65
N SER D 161 -2.95 -10.28 12.23
CA SER D 161 -2.82 -8.84 12.44
C SER D 161 -1.38 -8.39 12.27
N VAL D 162 -1.21 -7.11 11.97
CA VAL D 162 0.08 -6.53 11.63
C VAL D 162 0.30 -5.31 12.51
N THR D 163 1.52 -5.13 13.02
CA THR D 163 1.85 -3.93 13.78
C THR D 163 1.97 -2.72 12.85
N GLU D 164 1.85 -1.53 13.44
CA GLU D 164 2.23 -0.30 12.75
C GLU D 164 3.74 -0.28 12.60
N GLN D 165 4.23 0.49 11.63
CA GLN D 165 5.64 0.57 11.32
C GLN D 165 6.46 0.93 12.55
N ASP D 166 7.56 0.21 12.77
CA ASP D 166 8.42 0.40 13.93
C ASP D 166 9.10 1.76 13.87
N SER D 167 9.10 2.46 15.00
CA SER D 167 9.62 3.83 15.08
C SER D 167 11.15 3.93 15.06
N LYS D 168 11.85 2.78 15.08
CA LYS D 168 13.31 2.76 15.09
C LYS D 168 13.95 2.19 13.81
N ASP D 169 13.49 1.01 13.36
CA ASP D 169 14.02 0.37 12.16
C ASP D 169 13.07 0.38 10.95
N SER D 170 11.89 0.99 11.14
CA SER D 170 10.87 1.16 10.08
C SER D 170 10.35 -0.14 9.47
N THR D 171 10.32 -1.20 10.28
CA THR D 171 9.83 -2.50 9.82
C THR D 171 8.43 -2.78 10.34
N TYR D 172 7.84 -3.85 9.80
CA TYR D 172 6.55 -4.36 10.24
C TYR D 172 6.72 -5.75 10.86
N SER D 173 5.70 -6.21 11.57
CA SER D 173 5.63 -7.58 12.08
C SER D 173 4.21 -8.11 11.98
N LEU D 174 4.09 -9.42 11.75
CA LEU D 174 2.79 -10.05 11.53
C LEU D 174 2.63 -11.32 12.40
N SER D 175 1.42 -11.50 12.90
CA SER D 175 1.04 -12.67 13.67
C SER D 175 -0.14 -13.35 13.00
N SER D 176 -0.04 -14.66 12.76
CA SER D 176 -1.17 -15.46 12.26
C SER D 176 -1.54 -16.61 13.20
N THR D 177 -2.82 -16.65 13.59
CA THR D 177 -3.33 -17.64 14.53
C THR D 177 -4.25 -18.63 13.81
N LEU D 178 -3.83 -19.89 13.76
CA LEU D 178 -4.69 -21.01 13.32
C LEU D 178 -5.44 -21.59 14.51
N THR D 179 -6.77 -21.61 14.42
CA THR D 179 -7.64 -22.12 15.49
C THR D 179 -8.26 -23.46 15.07
N LEU D 180 -8.08 -24.47 15.93
CA LEU D 180 -8.64 -25.81 15.76
C LEU D 180 -9.22 -26.31 17.07
N SER D 181 -10.27 -27.13 16.98
CA SER D 181 -10.75 -27.88 18.14
C SER D 181 -9.68 -28.88 18.60
N LYS D 182 -9.74 -29.26 19.88
CA LYS D 182 -8.83 -30.24 20.50
C LYS D 182 -8.78 -31.54 19.69
N ALA D 183 -9.96 -32.04 19.32
CA ALA D 183 -10.13 -33.28 18.55
C ALA D 183 -9.45 -33.20 17.19
N ASP D 184 -9.76 -32.15 16.42
CA ASP D 184 -9.14 -31.88 15.12
C ASP D 184 -7.62 -31.71 15.21
N TYR D 185 -7.17 -31.02 16.28
CA TYR D 185 -5.74 -30.84 16.51
C TYR D 185 -5.02 -32.18 16.74
N GLU D 186 -5.63 -33.04 17.56
CA GLU D 186 -5.02 -34.32 17.93
C GLU D 186 -5.07 -35.39 16.83
N LYS D 187 -5.96 -35.21 15.85
CA LYS D 187 -6.10 -36.13 14.72
C LYS D 187 -5.00 -35.99 13.66
N HIS D 188 -4.14 -34.97 13.80
CA HIS D 188 -3.13 -34.63 12.79
C HIS D 188 -1.71 -34.46 13.38
N LYS D 189 -0.68 -34.56 12.53
CA LYS D 189 0.72 -34.60 12.97
C LYS D 189 1.56 -33.33 12.68
N VAL D 190 1.80 -33.02 11.40
CA VAL D 190 2.67 -31.90 11.00
C VAL D 190 1.92 -30.56 10.90
N TYR D 191 2.44 -29.56 11.60
CA TYR D 191 1.87 -28.21 11.59
C TYR D 191 2.86 -27.19 11.05
N ALA D 192 2.46 -26.54 9.95
CA ALA D 192 3.35 -25.68 9.18
C ALA D 192 2.70 -24.37 8.74
N CYS D 193 3.47 -23.28 8.84
CA CYS D 193 3.12 -22.01 8.20
C CYS D 193 4.11 -21.70 7.09
N GLU D 194 3.57 -21.36 5.91
CA GLU D 194 4.37 -21.01 4.74
C GLU D 194 4.33 -19.51 4.48
N VAL D 195 5.51 -18.91 4.42
CA VAL D 195 5.67 -17.46 4.33
C VAL D 195 6.27 -17.05 2.97
N THR D 196 5.53 -16.22 2.23
CA THR D 196 6.04 -15.63 0.99
C THR D 196 6.23 -14.12 1.17
N HIS D 197 7.45 -13.66 0.88
CA HIS D 197 7.81 -12.25 0.98
CA HIS D 197 7.81 -12.26 0.97
C HIS D 197 8.90 -11.87 -0.03
N GLN D 198 8.84 -10.64 -0.52
CA GLN D 198 9.75 -10.04 -1.48
C GLN D 198 11.24 -10.22 -1.15
N GLY D 199 11.58 -10.18 0.13
CA GLY D 199 12.96 -10.34 0.61
C GLY D 199 13.43 -11.78 0.65
N LEU D 200 12.50 -12.71 0.44
CA LEU D 200 12.81 -14.14 0.40
C LEU D 200 12.88 -14.61 -1.05
N SER D 201 14.03 -15.19 -1.42
CA SER D 201 14.27 -15.74 -2.76
C SER D 201 13.29 -16.84 -3.17
N SER D 202 12.76 -17.55 -2.17
CA SER D 202 11.69 -18.56 -2.32
C SER D 202 10.96 -18.75 -0.98
N PRO D 203 9.62 -18.99 -1.01
CA PRO D 203 8.80 -19.16 0.19
C PRO D 203 9.38 -20.06 1.28
N VAL D 204 9.36 -19.57 2.52
CA VAL D 204 9.95 -20.26 3.67
C VAL D 204 8.86 -20.90 4.53
N THR D 205 9.09 -22.17 4.90
CA THR D 205 8.21 -22.94 5.77
C THR D 205 8.90 -23.16 7.12
N LYS D 206 8.13 -22.93 8.19
CA LYS D 206 8.54 -23.29 9.54
C LYS D 206 7.48 -24.24 10.08
N SER D 207 7.92 -25.32 10.71
CA SER D 207 7.02 -26.41 11.12
C SER D 207 7.41 -27.15 12.40
N PHE D 208 6.41 -27.79 13.01
CA PHE D 208 6.61 -28.75 14.10
C PHE D 208 5.69 -29.96 13.93
N ASN D 209 6.12 -31.09 14.49
CA ASN D 209 5.30 -32.29 14.59
C ASN D 209 4.73 -32.40 16.01
N ARG D 210 3.42 -32.58 16.11
CA ARG D 210 2.70 -32.62 17.39
C ARG D 210 3.28 -33.67 18.36
N GLY D 211 4.06 -33.17 19.32
CA GLY D 211 4.74 -34.00 20.33
C GLY D 211 6.21 -34.25 20.03
N GLU D 212 7.05 -33.25 20.33
CA GLU D 212 8.51 -33.36 20.20
C GLU D 212 9.24 -32.39 21.13
#